data_8EC4
#
_entry.id   8EC4
#
_cell.length_a   79.820
_cell.length_b   97.890
_cell.length_c   113.170
_cell.angle_alpha   90.000
_cell.angle_beta   109.340
_cell.angle_gamma   90.000
#
_symmetry.space_group_name_H-M   'P 1 21 1'
#
loop_
_entity.id
_entity.type
_entity.pdbx_description
1 polymer Beta-lactamase
2 non-polymer 'PHOSPHATE ION'
3 non-polymer 'TRANS-ENAMINE INTERMEDIATE OF SULBACTAM'
4 water water
#
_entity_poly.entity_id   1
_entity_poly.type   'polypeptide(L)'
_entity_poly.pdbx_seq_one_letter_code
;GADLADRFAELERRYDARLGVYVPATGTTAAIEYRADERFAFCSTFKAPLVAAVLHQNPLTHLDKLITYTSDDIRSISPV
AQQHVQTGMTIGQLCDAAIRYSDGTAANLLLADLGGPGGGTAAFTGYLRSLGDTVSRLDAEEPELNRDPPGDERDTTTPH
AIALVLQQLVLGNALPPDKRALLTDWMARNTTGAKRIRAGFPADWKVIDKTGTGDYGRANDIAVVWSPTGVPYVVAVMSD
RAGGGYDAEPREALLAEAATCVAGVLA
;
_entity_poly.pdbx_strand_id   A,B,C,D
#
loop_
_chem_comp.id
_chem_comp.type
_chem_comp.name
_chem_comp.formula
PO4 non-polymer 'PHOSPHATE ION' 'O4 P -3'
TSL non-polymer 'TRANS-ENAMINE INTERMEDIATE OF SULBACTAM' 'C8 H13 N O5 S'
#
# COMPACT_ATOMS: atom_id res chain seq x y z
N ASP A 3 -30.70 -13.84 -12.12
CA ASP A 3 -31.48 -12.79 -11.47
C ASP A 3 -30.79 -12.32 -10.19
N LEU A 4 -30.43 -11.04 -10.16
CA LEU A 4 -29.80 -10.49 -8.97
C LEU A 4 -30.75 -10.50 -7.78
N ALA A 5 -32.06 -10.47 -8.03
CA ALA A 5 -33.03 -10.52 -6.94
C ALA A 5 -32.94 -11.82 -6.15
N ASP A 6 -32.54 -12.91 -6.81
CA ASP A 6 -32.37 -14.19 -6.11
C ASP A 6 -31.23 -14.11 -5.10
N ARG A 7 -30.07 -13.60 -5.54
CA ARG A 7 -28.97 -13.37 -4.61
C ARG A 7 -29.35 -12.33 -3.57
N PHE A 8 -30.09 -11.29 -4.00
CA PHE A 8 -30.61 -10.31 -3.06
C PHE A 8 -31.68 -10.89 -2.14
N ALA A 9 -32.18 -12.10 -2.43
CA ALA A 9 -33.13 -12.79 -1.56
C ALA A 9 -32.46 -13.86 -0.70
N GLU A 10 -31.20 -14.20 -0.98
CA GLU A 10 -30.51 -15.18 -0.15
C GLU A 10 -29.91 -14.53 1.10
N LEU A 11 -29.26 -13.37 0.94
CA LEU A 11 -28.63 -12.71 2.08
C LEU A 11 -29.65 -12.35 3.15
N GLU A 12 -30.91 -12.12 2.76
CA GLU A 12 -31.96 -11.95 3.75
C GLU A 12 -32.11 -13.21 4.60
N ARG A 13 -32.18 -14.38 3.96
CA ARG A 13 -32.25 -15.64 4.70
C ARG A 13 -30.95 -15.94 5.42
N ARG A 14 -29.81 -15.52 4.85
CA ARG A 14 -28.51 -15.83 5.46
C ARG A 14 -28.29 -15.00 6.72
N TYR A 15 -28.65 -13.72 6.68
CA TYR A 15 -28.43 -12.82 7.82
C TYR A 15 -29.70 -12.56 8.62
N ASP A 16 -30.83 -13.15 8.23
CA ASP A 16 -32.11 -12.95 8.92
C ASP A 16 -32.47 -11.47 8.98
N ALA A 17 -32.48 -10.82 7.81
CA ALA A 17 -32.68 -9.38 7.72
C ALA A 17 -33.63 -9.08 6.57
N ARG A 18 -33.92 -7.79 6.39
CA ARG A 18 -34.77 -7.29 5.31
C ARG A 18 -33.94 -6.31 4.49
N LEU A 19 -33.48 -6.76 3.33
CA LEU A 19 -32.56 -5.97 2.51
C LEU A 19 -33.33 -5.04 1.59
N GLY A 20 -32.88 -3.79 1.53
CA GLY A 20 -33.45 -2.81 0.62
C GLY A 20 -32.37 -2.13 -0.20
N VAL A 21 -32.37 -2.35 -1.51
CA VAL A 21 -31.33 -1.86 -2.40
C VAL A 21 -31.96 -1.05 -3.51
N TYR A 22 -31.31 0.06 -3.90
CA TYR A 22 -31.70 0.81 -5.07
C TYR A 22 -30.48 1.50 -5.67
N VAL A 23 -30.25 1.25 -6.95
CA VAL A 23 -29.20 1.92 -7.71
C VAL A 23 -29.87 2.63 -8.89
N PRO A 24 -29.93 3.97 -8.89
CA PRO A 24 -30.57 4.68 -10.00
C PRO A 24 -29.95 4.32 -11.34
N ALA A 25 -30.81 4.15 -12.34
CA ALA A 25 -30.35 3.75 -13.66
C ALA A 25 -29.58 4.89 -14.34
N THR A 26 -28.54 4.53 -15.07
CA THR A 26 -27.75 5.46 -15.86
C THR A 26 -28.09 5.29 -17.34
N GLY A 27 -27.39 6.05 -18.19
CA GLY A 27 -27.58 5.92 -19.63
C GLY A 27 -27.10 4.60 -20.19
N THR A 28 -26.26 3.87 -19.46
CA THR A 28 -25.71 2.61 -19.91
C THR A 28 -26.19 1.41 -19.12
N THR A 29 -26.56 1.59 -17.86
CA THR A 29 -26.97 0.49 -16.99
C THR A 29 -28.42 0.70 -16.53
N ALA A 30 -29.09 -0.41 -16.21
CA ALA A 30 -30.44 -0.35 -15.72
C ALA A 30 -30.44 -0.14 -14.20
N ALA A 31 -31.63 0.09 -13.65
CA ALA A 31 -31.78 0.35 -12.22
C ALA A 31 -31.83 -0.95 -11.45
N ILE A 32 -31.08 -1.02 -10.35
CA ILE A 32 -31.10 -2.17 -9.45
C ILE A 32 -32.14 -1.87 -8.36
N GLU A 33 -33.11 -2.77 -8.21
CA GLU A 33 -34.20 -2.58 -7.26
C GLU A 33 -34.41 -3.85 -6.45
N TYR A 34 -34.53 -3.70 -5.14
CA TYR A 34 -34.93 -4.79 -4.25
C TYR A 34 -35.54 -4.16 -3.02
N ARG A 35 -36.87 -4.29 -2.87
CA ARG A 35 -37.61 -3.60 -1.82
C ARG A 35 -37.31 -2.11 -1.84
N ALA A 36 -37.17 -1.57 -3.04
CA ALA A 36 -36.71 -0.19 -3.19
C ALA A 36 -37.73 0.81 -2.65
N ASP A 37 -39.01 0.53 -2.82
CA ASP A 37 -40.06 1.43 -2.36
C ASP A 37 -40.56 1.07 -0.96
N GLU A 38 -39.95 0.09 -0.31
CA GLU A 38 -40.30 -0.23 1.06
C GLU A 38 -39.69 0.79 2.02
N ARG A 39 -40.42 1.11 3.07
CA ARG A 39 -40.01 2.16 3.99
C ARG A 39 -38.99 1.62 4.99
N PHE A 40 -37.82 2.26 5.05
CA PHE A 40 -36.81 1.96 6.05
C PHE A 40 -36.53 3.21 6.87
N ALA A 41 -36.07 3.01 8.10
CA ALA A 41 -35.81 4.15 8.98
C ALA A 41 -34.63 4.96 8.47
N PHE A 42 -34.78 6.29 8.54
CA PHE A 42 -33.70 7.19 8.16
C PHE A 42 -32.43 6.88 8.95
N CYS A 43 -32.54 6.79 10.26
CA CYS A 43 -31.41 6.63 11.18
C CYS A 43 -30.46 7.80 10.95
N SER A 44 -29.15 7.57 10.97
CA SER A 44 -28.19 8.66 10.84
C SER A 44 -27.96 9.11 9.40
N THR A 45 -28.64 8.49 8.43
CA THR A 45 -28.43 8.87 7.03
C THR A 45 -29.07 10.21 6.70
N PHE A 46 -30.07 10.66 7.47
CA PHE A 46 -30.71 11.93 7.21
C PHE A 46 -29.78 13.12 7.37
N LYS A 47 -28.59 12.91 7.95
CA LYS A 47 -27.64 13.99 8.14
C LYS A 47 -26.93 14.38 6.84
N ALA A 48 -27.13 13.63 5.76
CA ALA A 48 -26.57 14.04 4.48
C ALA A 48 -27.47 15.09 3.82
N PRO A 49 -28.79 14.85 3.68
CA PRO A 49 -29.64 15.95 3.19
C PRO A 49 -29.85 17.06 4.19
N LEU A 50 -29.54 16.82 5.48
CA LEU A 50 -29.67 17.88 6.47
C LEU A 50 -28.59 18.95 6.28
N VAL A 51 -27.35 18.52 6.03
CA VAL A 51 -26.27 19.47 5.81
C VAL A 51 -26.52 20.27 4.55
N ALA A 52 -26.95 19.60 3.47
CA ALA A 52 -27.28 20.29 2.24
C ALA A 52 -28.45 21.26 2.39
N ALA A 53 -29.33 21.03 3.37
CA ALA A 53 -30.39 21.99 3.63
C ALA A 53 -29.84 23.28 4.21
N VAL A 54 -28.90 23.17 5.16
CA VAL A 54 -28.29 24.36 5.73
C VAL A 54 -27.50 25.12 4.68
N LEU A 55 -26.81 24.40 3.80
CA LEU A 55 -26.09 25.05 2.71
C LEU A 55 -27.05 25.72 1.72
N HIS A 56 -28.24 25.14 1.54
CA HIS A 56 -29.14 25.65 0.51
C HIS A 56 -29.75 26.99 0.91
N GLN A 57 -30.27 27.09 2.13
CA GLN A 57 -30.95 28.30 2.55
C GLN A 57 -30.00 29.39 3.04
N ASN A 58 -28.78 29.04 3.44
CA ASN A 58 -27.89 30.01 4.03
C ASN A 58 -26.67 30.25 3.14
N PRO A 59 -26.11 31.46 3.15
CA PRO A 59 -24.93 31.74 2.32
C PRO A 59 -23.66 31.10 2.89
N LEU A 60 -22.53 31.33 2.22
CA LEU A 60 -21.28 30.71 2.63
C LEU A 60 -20.81 31.23 3.99
N THR A 61 -21.07 32.51 4.29
CA THR A 61 -20.61 33.08 5.55
C THR A 61 -21.35 32.53 6.76
N HIS A 62 -22.51 31.91 6.56
CA HIS A 62 -23.26 31.35 7.68
C HIS A 62 -22.52 30.22 8.36
N LEU A 63 -21.57 29.59 7.66
CA LEU A 63 -20.82 28.49 8.26
C LEU A 63 -19.95 28.96 9.42
N ASP A 64 -19.52 30.23 9.40
CA ASP A 64 -18.68 30.76 10.46
C ASP A 64 -19.47 31.24 11.68
N LYS A 65 -20.79 31.11 11.66
CA LYS A 65 -21.59 31.53 12.80
C LYS A 65 -21.47 30.51 13.93
N LEU A 66 -21.08 31.00 15.11
CA LEU A 66 -20.87 30.14 16.27
C LEU A 66 -22.20 29.85 16.96
N ILE A 67 -22.34 28.63 17.48
CA ILE A 67 -23.51 28.21 18.23
C ILE A 67 -23.05 27.66 19.57
N THR A 68 -23.63 28.18 20.65
CA THR A 68 -23.36 27.71 22.00
C THR A 68 -24.41 26.71 22.44
N TYR A 69 -24.03 25.85 23.39
CA TYR A 69 -24.92 24.83 23.90
C TYR A 69 -24.39 24.34 25.24
N THR A 70 -25.31 23.89 26.09
CA THR A 70 -24.99 23.42 27.42
C THR A 70 -24.83 21.90 27.41
N SER A 71 -24.73 21.31 28.60
CA SER A 71 -24.57 19.86 28.71
C SER A 71 -25.90 19.13 28.56
N ASP A 72 -27.03 19.82 28.68
CA ASP A 72 -28.32 19.15 28.55
C ASP A 72 -28.62 18.79 27.11
N ASP A 73 -28.07 19.53 26.14
CA ASP A 73 -28.37 19.31 24.74
C ASP A 73 -27.69 18.07 24.17
N ILE A 74 -26.71 17.51 24.86
CA ILE A 74 -26.03 16.30 24.40
C ILE A 74 -26.92 15.10 24.75
N ARG A 75 -27.57 14.54 23.74
CA ARG A 75 -28.54 13.46 23.93
C ARG A 75 -28.07 12.12 23.38
N SER A 76 -27.47 12.09 22.19
CA SER A 76 -27.06 10.85 21.56
C SER A 76 -25.54 10.79 21.46
N ILE A 77 -25.04 9.85 20.66
CA ILE A 77 -23.60 9.70 20.47
C ILE A 77 -23.05 10.97 19.85
N SER A 78 -22.11 11.61 20.55
CA SER A 78 -21.54 12.89 20.11
C SER A 78 -20.05 12.89 20.43
N PRO A 79 -19.23 12.29 19.57
CA PRO A 79 -17.79 12.26 19.82
C PRO A 79 -17.13 13.64 19.73
N VAL A 80 -17.74 14.58 19.03
CA VAL A 80 -17.17 15.91 18.86
C VAL A 80 -17.87 16.93 19.77
N ALA A 81 -19.17 16.79 19.97
CA ALA A 81 -19.91 17.78 20.74
C ALA A 81 -19.54 17.75 22.21
N GLN A 82 -19.06 16.61 22.72
CA GLN A 82 -18.65 16.51 24.12
C GLN A 82 -17.29 17.13 24.37
N GLN A 83 -16.71 17.81 23.39
CA GLN A 83 -15.41 18.46 23.55
C GLN A 83 -15.43 19.95 23.23
N HIS A 84 -16.61 20.51 22.94
CA HIS A 84 -16.74 21.93 22.64
C HIS A 84 -17.90 22.55 23.39
N VAL A 85 -18.27 21.97 24.54
CA VAL A 85 -19.39 22.48 25.32
C VAL A 85 -19.07 23.88 25.87
N GLN A 86 -17.81 24.13 26.23
CA GLN A 86 -17.40 25.43 26.73
C GLN A 86 -17.08 26.42 25.62
N THR A 87 -16.65 25.93 24.46
CA THR A 87 -16.26 26.80 23.35
C THR A 87 -17.38 27.01 22.34
N GLY A 88 -18.21 26.00 22.09
CA GLY A 88 -19.18 26.06 21.02
C GLY A 88 -18.56 25.71 19.68
N MET A 89 -19.43 25.55 18.69
CA MET A 89 -19.00 25.20 17.34
C MET A 89 -19.68 26.09 16.33
N THR A 90 -18.95 26.44 15.28
CA THR A 90 -19.57 27.13 14.16
C THR A 90 -20.37 26.13 13.31
N ILE A 91 -21.21 26.68 12.43
CA ILE A 91 -22.07 25.85 11.60
C ILE A 91 -21.24 24.88 10.76
N GLY A 92 -20.10 25.35 10.24
CA GLY A 92 -19.26 24.47 9.44
C GLY A 92 -18.73 23.28 10.22
N GLN A 93 -18.36 23.49 11.48
CA GLN A 93 -17.89 22.38 12.30
C GLN A 93 -19.00 21.39 12.58
N LEU A 94 -20.22 21.88 12.84
CA LEU A 94 -21.34 20.99 13.07
C LEU A 94 -21.70 20.20 11.83
N CYS A 95 -21.50 20.78 10.64
CA CYS A 95 -21.66 20.01 9.41
C CYS A 95 -20.61 18.92 9.29
N ASP A 96 -19.35 19.26 9.59
CA ASP A 96 -18.27 18.28 9.49
C ASP A 96 -18.47 17.16 10.49
N ALA A 97 -18.97 17.47 11.69
CA ALA A 97 -19.17 16.45 12.71
C ALA A 97 -20.39 15.59 12.42
N ALA A 98 -21.43 16.17 11.81
CA ALA A 98 -22.66 15.42 11.55
C ALA A 98 -22.48 14.42 10.41
N ILE A 99 -21.61 14.73 9.46
CA ILE A 99 -21.42 13.86 8.30
C ILE A 99 -20.32 12.84 8.59
N ARG A 100 -19.12 13.34 8.93
CA ARG A 100 -17.96 12.47 9.02
C ARG A 100 -18.04 11.55 10.23
N TYR A 101 -18.52 12.06 11.37
CA TYR A 101 -18.55 11.30 12.60
C TYR A 101 -19.95 10.93 13.06
N SER A 102 -20.98 11.29 12.29
CA SER A 102 -22.36 10.95 12.61
C SER A 102 -22.75 11.48 14.00
N ASP A 103 -22.30 12.69 14.31
CA ASP A 103 -22.56 13.27 15.62
C ASP A 103 -24.06 13.53 15.80
N GLY A 104 -24.60 13.06 16.92
CA GLY A 104 -26.03 13.23 17.16
C GLY A 104 -26.40 14.65 17.57
N THR A 105 -25.58 15.26 18.44
CA THR A 105 -25.90 16.61 18.90
C THR A 105 -25.73 17.64 17.78
N ALA A 106 -24.74 17.44 16.91
CA ALA A 106 -24.54 18.36 15.80
C ALA A 106 -25.74 18.34 14.85
N ALA A 107 -26.31 17.16 14.61
CA ALA A 107 -27.50 17.08 13.77
C ALA A 107 -28.69 17.80 14.40
N ASN A 108 -28.88 17.62 15.71
CA ASN A 108 -29.96 18.32 16.40
C ASN A 108 -29.75 19.83 16.36
N LEU A 109 -28.50 20.29 16.40
CA LEU A 109 -28.24 21.71 16.30
C LEU A 109 -28.44 22.21 14.86
N LEU A 110 -28.07 21.38 13.88
CA LEU A 110 -28.33 21.75 12.48
C LEU A 110 -29.82 21.74 12.18
N LEU A 111 -30.58 20.87 12.84
CA LEU A 111 -32.03 20.87 12.66
C LEU A 111 -32.65 22.13 13.25
N ALA A 112 -32.25 22.50 14.46
CA ALA A 112 -32.72 23.76 15.04
C ALA A 112 -32.20 24.95 14.24
N ASP A 113 -31.08 24.78 13.55
CA ASP A 113 -30.60 25.83 12.65
C ASP A 113 -31.55 26.04 11.48
N LEU A 114 -32.23 24.98 11.04
CA LEU A 114 -33.28 25.15 10.04
C LEU A 114 -34.47 25.90 10.60
N GLY A 115 -34.77 25.70 11.89
CA GLY A 115 -35.86 26.41 12.54
C GLY A 115 -37.23 25.92 12.15
N GLY A 116 -38.20 26.09 13.05
CA GLY A 116 -39.56 25.71 12.78
C GLY A 116 -40.16 24.82 13.84
N PRO A 117 -41.27 24.16 13.52
CA PRO A 117 -41.92 23.29 14.51
C PRO A 117 -41.14 22.02 14.74
N GLY A 118 -41.18 21.55 15.98
CA GLY A 118 -40.51 20.31 16.34
C GLY A 118 -39.00 20.34 16.20
N GLY A 119 -38.40 21.52 16.34
CA GLY A 119 -36.96 21.62 16.21
C GLY A 119 -36.45 21.49 14.79
N GLY A 120 -37.18 22.04 13.82
CA GLY A 120 -36.73 22.03 12.45
C GLY A 120 -36.94 20.74 11.70
N THR A 121 -37.84 19.87 12.18
CA THR A 121 -38.11 18.62 11.48
C THR A 121 -39.01 18.85 10.27
N ALA A 122 -40.08 19.62 10.45
CA ALA A 122 -40.97 19.92 9.33
C ALA A 122 -40.26 20.72 8.24
N ALA A 123 -39.36 21.63 8.65
CA ALA A 123 -38.57 22.34 7.66
C ALA A 123 -37.64 21.41 6.90
N PHE A 124 -37.15 20.36 7.55
CA PHE A 124 -36.30 19.40 6.87
C PHE A 124 -37.09 18.60 5.83
N THR A 125 -38.25 18.07 6.23
CA THR A 125 -39.11 17.39 5.27
C THR A 125 -39.51 18.32 4.13
N GLY A 126 -39.72 19.60 4.44
CA GLY A 126 -40.04 20.57 3.40
C GLY A 126 -38.92 20.69 2.38
N TYR A 127 -37.67 20.56 2.82
CA TYR A 127 -36.56 20.59 1.88
C TYR A 127 -36.57 19.35 0.99
N LEU A 128 -36.94 18.19 1.55
CA LEU A 128 -37.02 16.98 0.76
C LEU A 128 -38.12 17.07 -0.30
N ARG A 129 -39.18 17.83 -0.03
CA ARG A 129 -40.25 17.98 -1.00
C ARG A 129 -39.81 18.82 -2.20
N SER A 130 -38.90 19.78 -1.97
CA SER A 130 -38.40 20.60 -3.07
C SER A 130 -37.51 19.82 -4.02
N LEU A 131 -36.95 18.69 -3.58
CA LEU A 131 -36.19 17.80 -4.44
C LEU A 131 -37.06 16.75 -5.10
N GLY A 132 -38.38 16.89 -5.04
CA GLY A 132 -39.29 15.93 -5.62
C GLY A 132 -39.60 14.72 -4.78
N ASP A 133 -39.00 14.60 -3.60
CA ASP A 133 -39.20 13.44 -2.72
C ASP A 133 -40.37 13.73 -1.80
N THR A 134 -41.53 13.14 -2.11
CA THR A 134 -42.74 13.31 -1.33
C THR A 134 -43.00 12.14 -0.39
N VAL A 135 -42.09 11.17 -0.30
CA VAL A 135 -42.28 9.99 0.52
C VAL A 135 -41.62 10.13 1.88
N SER A 136 -40.33 10.48 1.90
CA SER A 136 -39.58 10.51 3.14
C SER A 136 -40.12 11.57 4.09
N ARG A 137 -39.84 11.39 5.38
CA ARG A 137 -40.29 12.32 6.40
C ARG A 137 -39.41 12.15 7.63
N LEU A 138 -39.33 13.21 8.43
CA LEU A 138 -38.59 13.21 9.68
C LEU A 138 -39.45 13.86 10.74
N ASP A 139 -39.80 13.10 11.78
CA ASP A 139 -40.70 13.57 12.82
C ASP A 139 -40.03 13.77 14.17
N ALA A 140 -38.98 13.03 14.48
CA ALA A 140 -38.32 13.10 15.78
C ALA A 140 -36.90 13.64 15.62
N GLU A 141 -36.21 13.77 16.75
CA GLU A 141 -34.83 14.23 16.80
C GLU A 141 -33.97 13.16 17.46
N GLU A 142 -32.67 13.40 17.47
CA GLU A 142 -31.73 12.41 18.01
C GLU A 142 -31.97 12.24 19.52
N PRO A 143 -32.00 11.00 20.02
CA PRO A 143 -31.84 9.78 19.24
C PRO A 143 -33.16 9.04 19.02
N GLU A 144 -34.28 9.76 19.09
CA GLU A 144 -35.58 9.10 19.07
C GLU A 144 -35.91 8.53 17.70
N LEU A 145 -35.39 9.12 16.62
CA LEU A 145 -35.74 8.65 15.29
C LEU A 145 -35.22 7.25 15.01
N ASN A 146 -34.20 6.79 15.74
CA ASN A 146 -33.68 5.45 15.58
C ASN A 146 -34.51 4.41 16.31
N ARG A 147 -35.44 4.82 17.17
CA ARG A 147 -36.16 3.90 18.04
C ARG A 147 -37.61 3.69 17.63
N ASP A 148 -38.02 4.19 16.46
CA ASP A 148 -39.39 4.00 16.01
C ASP A 148 -39.65 2.52 15.73
N PRO A 149 -40.80 1.99 16.15
CA PRO A 149 -41.08 0.57 15.95
C PRO A 149 -41.30 0.27 14.48
N PRO A 150 -41.16 -0.98 14.07
CA PRO A 150 -41.44 -1.34 12.67
C PRO A 150 -42.91 -1.12 12.33
N GLY A 151 -43.17 -0.93 11.04
CA GLY A 151 -44.52 -0.64 10.59
C GLY A 151 -44.85 0.84 10.67
N ASP A 152 -44.25 1.53 11.63
CA ASP A 152 -44.45 2.96 11.77
C ASP A 152 -43.81 3.68 10.58
N GLU A 153 -44.45 4.75 10.14
CA GLU A 153 -43.98 5.54 9.00
C GLU A 153 -43.24 6.79 9.43
N ARG A 154 -43.06 7.02 10.73
CA ARG A 154 -42.36 8.20 11.21
C ARG A 154 -40.86 8.01 11.10
N ASP A 155 -40.17 9.06 10.62
CA ASP A 155 -38.72 9.05 10.45
C ASP A 155 -38.28 7.91 9.53
N THR A 156 -39.07 7.63 8.51
CA THR A 156 -38.78 6.57 7.56
C THR A 156 -38.50 7.14 6.18
N THR A 157 -37.90 6.31 5.34
CA THR A 157 -37.62 6.66 3.95
C THR A 157 -37.44 5.37 3.17
N THR A 158 -37.29 5.51 1.86
CA THR A 158 -37.14 4.33 1.02
C THR A 158 -35.82 4.38 0.26
N PRO A 159 -35.21 3.23 -0.02
CA PRO A 159 -33.99 3.23 -0.86
C PRO A 159 -34.20 3.89 -2.20
N HIS A 160 -35.43 3.84 -2.73
CA HIS A 160 -35.72 4.49 -4.00
C HIS A 160 -35.65 6.01 -3.88
N ALA A 161 -36.23 6.56 -2.81
CA ALA A 161 -36.35 8.00 -2.70
C ALA A 161 -35.08 8.66 -2.15
N ILE A 162 -34.31 7.94 -1.33
CA ILE A 162 -33.08 8.53 -0.81
C ILE A 162 -31.97 8.49 -1.85
N ALA A 163 -32.00 7.51 -2.76
CA ALA A 163 -30.97 7.46 -3.79
C ALA A 163 -31.10 8.61 -4.77
N LEU A 164 -32.33 8.91 -5.21
CA LEU A 164 -32.52 10.03 -6.12
C LEU A 164 -32.17 11.36 -5.46
N VAL A 165 -32.42 11.48 -4.16
CA VAL A 165 -32.05 12.70 -3.43
C VAL A 165 -30.54 12.87 -3.43
N LEU A 166 -29.81 11.78 -3.16
CA LEU A 166 -28.35 11.85 -3.18
C LEU A 166 -27.83 12.09 -4.59
N GLN A 167 -28.54 11.59 -5.60
CA GLN A 167 -28.13 11.86 -6.98
C GLN A 167 -28.29 13.34 -7.33
N GLN A 168 -29.34 13.98 -6.80
CA GLN A 168 -29.53 15.41 -7.04
C GLN A 168 -28.47 16.23 -6.31
N LEU A 169 -28.14 15.83 -5.08
CA LEU A 169 -27.23 16.64 -4.25
C LEU A 169 -25.79 16.50 -4.71
N VAL A 170 -25.33 15.27 -4.95
CA VAL A 170 -23.93 15.03 -5.28
C VAL A 170 -23.68 15.12 -6.78
N LEU A 171 -24.56 14.55 -7.60
CA LEU A 171 -24.36 14.54 -9.05
C LEU A 171 -25.15 15.61 -9.78
N GLY A 172 -26.32 15.99 -9.28
CA GLY A 172 -27.18 16.95 -9.94
C GLY A 172 -26.83 18.39 -9.62
N ASN A 173 -27.83 19.26 -9.81
CA ASN A 173 -27.68 20.70 -9.60
C ASN A 173 -28.49 21.18 -8.40
N ALA A 174 -28.64 20.33 -7.38
CA ALA A 174 -29.40 20.72 -6.21
C ALA A 174 -28.72 21.84 -5.44
N LEU A 175 -27.39 21.88 -5.47
CA LEU A 175 -26.60 22.94 -4.84
C LEU A 175 -25.65 23.54 -5.87
N PRO A 176 -25.23 24.77 -5.68
CA PRO A 176 -24.19 25.35 -6.53
C PRO A 176 -22.89 24.58 -6.37
N PRO A 177 -21.97 24.69 -7.33
CA PRO A 177 -20.76 23.85 -7.28
C PRO A 177 -19.92 24.06 -6.02
N ASP A 178 -19.80 25.30 -5.54
CA ASP A 178 -18.95 25.53 -4.37
C ASP A 178 -19.56 24.94 -3.10
N LYS A 179 -20.88 24.96 -2.98
CA LYS A 179 -21.54 24.31 -1.86
C LYS A 179 -21.55 22.79 -2.01
N ARG A 180 -21.73 22.30 -3.24
CA ARG A 180 -21.71 20.86 -3.47
C ARG A 180 -20.33 20.27 -3.22
N ALA A 181 -19.27 21.04 -3.50
CA ALA A 181 -17.92 20.55 -3.23
C ALA A 181 -17.70 20.36 -1.74
N LEU A 182 -18.30 21.23 -0.91
CA LEU A 182 -18.17 21.09 0.53
C LEU A 182 -18.88 19.85 1.03
N LEU A 183 -20.07 19.57 0.49
CA LEU A 183 -20.84 18.41 0.94
C LEU A 183 -20.16 17.11 0.55
N THR A 184 -19.60 17.04 -0.67
CA THR A 184 -18.96 15.83 -1.13
C THR A 184 -17.69 15.52 -0.33
N ASP A 185 -16.92 16.55 0.02
CA ASP A 185 -15.68 16.34 0.75
C ASP A 185 -15.93 15.75 2.13
N TRP A 186 -17.00 16.20 2.79
CA TRP A 186 -17.32 15.67 4.12
C TRP A 186 -17.70 14.20 4.03
N MET A 187 -18.47 13.82 3.00
CA MET A 187 -18.85 12.42 2.86
C MET A 187 -17.70 11.58 2.36
N ALA A 188 -16.78 12.17 1.59
CA ALA A 188 -15.60 11.45 1.13
C ALA A 188 -14.65 11.12 2.28
N ARG A 189 -14.70 11.89 3.37
CA ARG A 189 -13.86 11.65 4.53
C ARG A 189 -14.64 11.09 5.71
N ASN A 190 -15.77 10.44 5.44
CA ASN A 190 -16.54 9.80 6.50
C ASN A 190 -15.74 8.70 7.17
N THR A 191 -15.88 8.57 8.49
CA THR A 191 -15.09 7.64 9.28
C THR A 191 -15.93 6.55 9.93
N THR A 192 -17.15 6.32 9.44
CA THR A 192 -18.05 5.36 10.05
C THR A 192 -18.60 4.32 9.08
N GLY A 193 -18.06 4.24 7.87
CA GLY A 193 -18.58 3.32 6.89
C GLY A 193 -17.55 2.39 6.27
N ALA A 194 -16.52 2.05 7.04
CA ALA A 194 -15.44 1.24 6.50
C ALA A 194 -15.87 -0.21 6.28
N LYS A 195 -16.86 -0.68 7.04
CA LYS A 195 -17.27 -2.08 7.01
C LYS A 195 -18.62 -2.28 6.30
N ARG A 196 -19.04 -1.33 5.48
CA ARG A 196 -20.33 -1.41 4.81
C ARG A 196 -20.08 -1.33 3.30
N ILE A 197 -20.63 -0.32 2.62
CA ILE A 197 -20.50 -0.24 1.16
C ILE A 197 -19.04 -0.12 0.76
N ARG A 198 -18.25 0.60 1.56
CA ARG A 198 -16.83 0.74 1.24
C ARG A 198 -16.10 -0.60 1.26
N ALA A 199 -16.56 -1.55 2.08
CA ALA A 199 -15.92 -2.85 2.16
C ALA A 199 -16.37 -3.79 1.05
N GLY A 200 -17.49 -3.51 0.39
CA GLY A 200 -18.02 -4.40 -0.63
C GLY A 200 -17.56 -4.08 -2.03
N PHE A 201 -17.02 -2.86 -2.24
CA PHE A 201 -16.52 -2.44 -3.54
C PHE A 201 -15.00 -2.56 -3.58
N PRO A 202 -14.44 -2.87 -4.75
CA PRO A 202 -12.98 -2.97 -4.87
C PRO A 202 -12.30 -1.65 -4.51
N ALA A 203 -11.00 -1.75 -4.19
CA ALA A 203 -10.27 -0.60 -3.67
C ALA A 203 -10.12 0.49 -4.72
N ASP A 204 -10.06 0.14 -6.00
CA ASP A 204 -9.89 1.13 -7.05
C ASP A 204 -11.18 1.90 -7.34
N TRP A 205 -12.26 1.64 -6.62
CA TRP A 205 -13.49 2.40 -6.72
C TRP A 205 -13.51 3.46 -5.62
N LYS A 206 -13.82 4.71 -6.00
CA LYS A 206 -14.02 5.75 -5.01
C LYS A 206 -15.39 5.59 -4.37
N VAL A 207 -15.46 5.85 -3.07
CA VAL A 207 -16.71 5.65 -2.32
C VAL A 207 -16.86 6.80 -1.32
N ILE A 208 -17.96 7.54 -1.45
CA ILE A 208 -18.42 8.47 -0.42
C ILE A 208 -19.74 7.93 0.10
N ASP A 209 -20.00 8.15 1.39
CA ASP A 209 -21.15 7.52 2.02
C ASP A 209 -21.49 8.22 3.32
N LYS A 210 -22.69 7.91 3.83
CA LYS A 210 -23.13 8.35 5.15
C LYS A 210 -23.92 7.21 5.76
N THR A 211 -23.40 6.62 6.85
CA THR A 211 -23.99 5.43 7.43
C THR A 211 -25.19 5.77 8.31
N GLY A 212 -25.98 4.74 8.61
CA GLY A 212 -27.10 4.86 9.51
C GLY A 212 -27.32 3.58 10.29
N THR A 213 -27.40 3.69 11.61
CA THR A 213 -27.61 2.54 12.48
C THR A 213 -28.76 2.85 13.43
N GLY A 214 -29.33 1.79 14.00
CA GLY A 214 -30.42 1.96 14.94
C GLY A 214 -30.82 0.63 15.51
N ASP A 215 -31.88 0.66 16.32
CA ASP A 215 -32.39 -0.55 16.95
C ASP A 215 -33.19 -1.36 15.93
N TYR A 216 -33.68 -2.51 16.38
CA TYR A 216 -34.31 -3.50 15.49
C TYR A 216 -33.35 -3.95 14.40
N GLY A 217 -32.05 -3.94 14.70
CA GLY A 217 -31.06 -4.36 13.72
C GLY A 217 -30.96 -3.47 12.51
N ARG A 218 -31.22 -2.17 12.67
CA ARG A 218 -31.21 -1.24 11.55
C ARG A 218 -29.78 -0.87 11.19
N ALA A 219 -29.44 -1.03 9.91
CA ALA A 219 -28.11 -0.68 9.42
C ALA A 219 -28.25 -0.25 7.96
N ASN A 220 -28.06 1.04 7.71
CA ASN A 220 -28.16 1.60 6.36
C ASN A 220 -26.83 2.21 5.94
N ASP A 221 -26.67 2.35 4.64
CA ASP A 221 -25.50 3.04 4.07
C ASP A 221 -25.87 3.51 2.68
N ILE A 222 -26.06 4.83 2.52
CA ILE A 222 -26.27 5.45 1.22
C ILE A 222 -24.94 5.95 0.71
N ALA A 223 -24.63 5.68 -0.55
CA ALA A 223 -23.31 5.96 -1.07
C ALA A 223 -23.38 6.42 -2.53
N VAL A 224 -22.36 7.16 -2.93
CA VAL A 224 -22.12 7.53 -4.32
C VAL A 224 -20.73 7.02 -4.67
N VAL A 225 -20.67 6.02 -5.54
CA VAL A 225 -19.41 5.37 -5.88
C VAL A 225 -19.01 5.76 -7.30
N TRP A 226 -17.71 5.65 -7.58
CA TRP A 226 -17.15 5.97 -8.88
C TRP A 226 -16.37 4.76 -9.39
N SER A 227 -16.64 4.35 -10.63
CA SER A 227 -15.91 3.26 -11.24
C SER A 227 -14.47 3.67 -11.51
N PRO A 228 -13.56 2.70 -11.67
CA PRO A 228 -12.16 3.05 -11.97
C PRO A 228 -12.00 3.88 -13.24
N THR A 229 -12.99 3.89 -14.13
CA THR A 229 -12.95 4.72 -15.32
C THR A 229 -13.62 6.07 -15.13
N GLY A 230 -14.23 6.32 -13.97
CA GLY A 230 -14.82 7.60 -13.67
C GLY A 230 -16.33 7.68 -13.81
N VAL A 231 -17.00 6.56 -14.04
CA VAL A 231 -18.46 6.58 -14.21
C VAL A 231 -19.10 6.61 -12.82
N PRO A 232 -20.01 7.55 -12.55
CA PRO A 232 -20.61 7.64 -11.22
C PRO A 232 -21.93 6.88 -11.12
N TYR A 233 -22.12 6.24 -9.96
CA TYR A 233 -23.34 5.56 -9.62
C TYR A 233 -23.76 5.94 -8.20
N VAL A 234 -25.03 5.68 -7.90
CA VAL A 234 -25.57 5.91 -6.57
C VAL A 234 -26.05 4.56 -6.03
N VAL A 235 -25.61 4.22 -4.82
CA VAL A 235 -25.95 2.95 -4.19
C VAL A 235 -26.64 3.26 -2.87
N ALA A 236 -27.87 2.77 -2.72
CA ALA A 236 -28.65 2.95 -1.49
C ALA A 236 -29.01 1.58 -0.95
N VAL A 237 -28.39 1.21 0.17
CA VAL A 237 -28.61 -0.07 0.82
C VAL A 237 -29.12 0.17 2.22
N MET A 238 -30.31 -0.32 2.53
CA MET A 238 -30.90 -0.22 3.85
C MET A 238 -31.35 -1.59 4.32
N SER A 239 -31.35 -1.80 5.63
CA SER A 239 -31.68 -3.11 6.18
C SER A 239 -32.12 -2.99 7.63
N ASP A 240 -32.93 -3.96 8.06
CA ASP A 240 -33.30 -4.10 9.46
C ASP A 240 -33.61 -5.56 9.74
N ARG A 241 -33.64 -5.91 11.03
CA ARG A 241 -33.97 -7.26 11.49
C ARG A 241 -35.02 -7.15 12.59
N ALA A 242 -36.25 -6.79 12.20
CA ALA A 242 -37.31 -6.57 13.17
C ALA A 242 -37.72 -7.85 13.87
N GLY A 243 -37.55 -9.00 13.22
CA GLY A 243 -37.91 -10.26 13.85
C GLY A 243 -37.10 -10.58 15.09
N GLY A 244 -35.85 -10.09 15.14
CA GLY A 244 -35.00 -10.32 16.29
C GLY A 244 -35.38 -9.53 17.52
N GLY A 245 -36.33 -8.61 17.41
CA GLY A 245 -36.78 -7.83 18.54
C GLY A 245 -36.21 -6.43 18.55
N TYR A 246 -36.39 -5.78 19.70
CA TYR A 246 -35.91 -4.40 19.84
C TYR A 246 -34.39 -4.34 19.90
N ASP A 247 -33.76 -5.32 20.56
CA ASP A 247 -32.32 -5.35 20.73
C ASP A 247 -31.63 -6.22 19.68
N ALA A 248 -32.20 -6.31 18.48
CA ALA A 248 -31.59 -7.10 17.43
C ALA A 248 -30.27 -6.49 17.00
N GLU A 249 -29.29 -7.35 16.70
CA GLU A 249 -27.96 -6.88 16.36
C GLU A 249 -27.88 -6.57 14.87
N PRO A 250 -27.40 -5.39 14.49
CA PRO A 250 -27.26 -5.08 13.06
C PRO A 250 -26.05 -5.78 12.45
N ARG A 251 -26.26 -6.34 11.27
CA ARG A 251 -25.23 -7.10 10.57
C ARG A 251 -24.61 -6.22 9.49
N GLU A 252 -23.43 -5.67 9.77
CA GLU A 252 -22.74 -4.85 8.78
C GLU A 252 -22.31 -5.68 7.58
N ALA A 253 -21.99 -6.95 7.78
CA ALA A 253 -21.53 -7.79 6.67
C ALA A 253 -22.59 -7.94 5.60
N LEU A 254 -23.86 -7.82 5.97
CA LEU A 254 -24.93 -7.92 4.98
C LEU A 254 -24.88 -6.75 4.00
N LEU A 255 -24.61 -5.54 4.50
CA LEU A 255 -24.48 -4.39 3.62
C LEU A 255 -23.26 -4.50 2.73
N ALA A 256 -22.12 -4.91 3.28
CA ALA A 256 -20.91 -5.06 2.48
C ALA A 256 -21.08 -6.16 1.45
N GLU A 257 -21.73 -7.27 1.81
CA GLU A 257 -21.96 -8.34 0.86
C GLU A 257 -22.96 -7.94 -0.21
N ALA A 258 -23.94 -7.09 0.13
CA ALA A 258 -24.89 -6.63 -0.86
C ALA A 258 -24.23 -5.69 -1.87
N ALA A 259 -23.32 -4.83 -1.41
CA ALA A 259 -22.63 -3.92 -2.31
C ALA A 259 -21.73 -4.66 -3.29
N THR A 260 -21.23 -5.83 -2.91
CA THR A 260 -20.42 -6.62 -3.83
C THR A 260 -21.27 -7.16 -4.99
N CYS A 261 -22.53 -7.53 -4.71
CA CYS A 261 -23.42 -7.94 -5.78
C CYS A 261 -23.68 -6.79 -6.75
N VAL A 262 -23.90 -5.58 -6.23
CA VAL A 262 -24.08 -4.42 -7.08
C VAL A 262 -22.82 -4.16 -7.90
N ALA A 263 -21.65 -4.28 -7.27
CA ALA A 263 -20.40 -4.06 -7.98
C ALA A 263 -20.22 -5.05 -9.13
N GLY A 264 -20.68 -6.29 -8.95
CA GLY A 264 -20.55 -7.27 -10.01
C GLY A 264 -21.36 -6.93 -11.24
N VAL A 265 -22.61 -6.49 -11.04
CA VAL A 265 -23.45 -6.13 -12.18
C VAL A 265 -22.99 -4.81 -12.80
N LEU A 266 -22.58 -3.86 -11.97
CA LEU A 266 -22.07 -2.60 -12.47
C LEU A 266 -20.70 -2.72 -13.13
N ALA A 267 -20.04 -3.87 -13.01
CA ALA A 267 -18.75 -4.08 -13.65
C ALA A 267 -18.92 -4.62 -15.06
N ASP B 3 26.76 15.56 17.35
CA ASP B 3 26.38 16.70 16.52
C ASP B 3 25.03 16.49 15.86
N LEU B 4 24.37 15.38 16.18
CA LEU B 4 23.01 15.15 15.70
C LEU B 4 22.03 16.12 16.35
N ALA B 5 22.38 16.70 17.50
CA ALA B 5 21.56 17.73 18.12
C ALA B 5 21.52 19.02 17.32
N ASP B 6 22.40 19.18 16.33
CA ASP B 6 22.35 20.36 15.48
C ASP B 6 21.20 20.28 14.47
N ARG B 7 20.95 19.08 13.94
CA ARG B 7 19.85 18.89 13.00
C ARG B 7 18.50 18.90 13.69
N PHE B 8 18.43 18.38 14.92
CA PHE B 8 17.17 18.44 15.67
C PHE B 8 16.79 19.87 15.98
N ALA B 9 17.79 20.74 16.21
CA ALA B 9 17.49 22.14 16.51
C ALA B 9 16.98 22.87 15.28
N GLU B 10 17.56 22.60 14.10
CA GLU B 10 17.08 23.23 12.88
C GLU B 10 15.67 22.78 12.54
N LEU B 11 15.32 21.52 12.87
CA LEU B 11 13.94 21.09 12.69
C LEU B 11 13.01 21.77 13.68
N GLU B 12 13.49 22.03 14.89
CA GLU B 12 12.72 22.84 15.83
C GLU B 12 12.51 24.25 15.29
N ARG B 13 13.54 24.80 14.63
CA ARG B 13 13.44 26.15 14.09
C ARG B 13 12.52 26.19 12.87
N ARG B 14 12.57 25.15 12.04
CA ARG B 14 11.79 25.16 10.80
C ARG B 14 10.31 24.91 11.05
N TYR B 15 9.99 24.01 11.98
CA TYR B 15 8.61 23.65 12.25
C TYR B 15 7.99 24.44 13.39
N ASP B 16 8.76 25.31 14.04
CA ASP B 16 8.30 26.09 15.19
C ASP B 16 7.68 25.16 16.25
N ALA B 17 8.53 24.31 16.80
CA ALA B 17 8.08 23.29 17.72
C ALA B 17 9.23 22.82 18.59
N ARG B 18 8.90 22.34 19.78
CA ARG B 18 9.87 21.70 20.66
C ARG B 18 9.86 20.20 20.40
N LEU B 19 11.05 19.63 20.19
CA LEU B 19 11.17 18.23 19.80
C LEU B 19 11.89 17.44 20.87
N GLY B 20 11.35 16.26 21.17
CA GLY B 20 11.99 15.34 22.09
C GLY B 20 12.27 14.00 21.43
N VAL B 21 13.51 13.52 21.52
CA VAL B 21 13.93 12.30 20.83
C VAL B 21 14.80 11.48 21.78
N TYR B 22 14.50 10.19 21.89
CA TYR B 22 15.36 9.28 22.64
C TYR B 22 15.37 7.91 21.98
N VAL B 23 16.56 7.33 21.88
CA VAL B 23 16.74 5.97 21.37
C VAL B 23 17.65 5.23 22.34
N PRO B 24 17.15 4.24 23.08
CA PRO B 24 18.02 3.52 24.03
C PRO B 24 19.20 2.87 23.31
N ALA B 25 20.35 2.89 23.98
CA ALA B 25 21.58 2.40 23.39
C ALA B 25 21.57 0.88 23.30
N THR B 26 21.90 0.37 22.12
CA THR B 26 22.05 -1.07 21.92
C THR B 26 23.50 -1.45 22.21
N GLY B 27 23.92 -2.64 21.77
CA GLY B 27 25.31 -3.04 21.96
C GLY B 27 26.27 -2.42 20.97
N THR B 28 25.79 -2.13 19.76
CA THR B 28 26.66 -1.59 18.72
C THR B 28 26.65 -0.06 18.67
N THR B 29 25.53 0.57 18.95
CA THR B 29 25.39 2.02 18.88
C THR B 29 25.20 2.62 20.27
N ALA B 30 25.24 3.95 20.32
CA ALA B 30 25.07 4.69 21.56
C ALA B 30 23.62 5.16 21.68
N ALA B 31 23.35 5.97 22.71
CA ALA B 31 22.02 6.47 22.98
C ALA B 31 21.84 7.85 22.36
N ILE B 32 20.80 8.00 21.55
CA ILE B 32 20.51 9.26 20.88
C ILE B 32 19.53 10.05 21.76
N GLU B 33 19.93 11.25 22.17
CA GLU B 33 19.14 12.04 23.11
C GLU B 33 18.98 13.47 22.60
N TYR B 34 17.77 14.00 22.70
CA TYR B 34 17.51 15.41 22.43
C TYR B 34 16.25 15.78 23.22
N ARG B 35 16.44 16.58 24.28
CA ARG B 35 15.38 16.87 25.24
C ARG B 35 14.75 15.57 25.77
N ALA B 36 15.60 14.56 25.94
CA ALA B 36 15.12 13.24 26.33
C ALA B 36 14.54 13.24 27.74
N ASP B 37 15.10 14.03 28.63
CA ASP B 37 14.62 14.12 30.01
C ASP B 37 13.62 15.25 30.21
N GLU B 38 13.21 15.93 29.13
CA GLU B 38 12.15 16.92 29.22
C GLU B 38 10.79 16.23 29.22
N ARG B 39 9.80 16.92 29.78
CA ARG B 39 8.46 16.35 29.92
C ARG B 39 7.62 16.70 28.71
N PHE B 40 7.02 15.67 28.10
CA PHE B 40 6.08 15.83 27.01
C PHE B 40 4.76 15.15 27.36
N ALA B 41 3.68 15.67 26.80
CA ALA B 41 2.36 15.12 27.09
C ALA B 41 2.25 13.69 26.56
N PHE B 42 1.50 12.86 27.29
CA PHE B 42 1.32 11.47 26.91
C PHE B 42 0.58 11.35 25.58
N CYS B 43 -0.57 11.99 25.48
CA CYS B 43 -1.50 11.82 24.36
C CYS B 43 -1.86 10.34 24.27
N SER B 44 -2.11 9.83 23.07
CA SER B 44 -2.56 8.46 22.89
C SER B 44 -1.43 7.44 23.02
N THR B 45 -0.21 7.86 23.32
CA THR B 45 0.90 6.91 23.43
C THR B 45 0.79 6.04 24.67
N PHE B 46 -0.01 6.45 25.67
CA PHE B 46 -0.20 5.65 26.87
C PHE B 46 -1.00 4.38 26.61
N LYS B 47 -1.63 4.25 25.45
CA LYS B 47 -2.44 3.07 25.14
C LYS B 47 -1.61 1.84 24.82
N ALA B 48 -0.30 1.99 24.62
CA ALA B 48 0.56 0.83 24.36
C ALA B 48 0.89 0.12 25.68
N PRO B 49 1.37 0.81 26.72
CA PRO B 49 1.55 0.12 28.01
C PRO B 49 0.24 -0.16 28.72
N LEU B 50 -0.83 0.56 28.42
CA LEU B 50 -2.12 0.26 29.02
C LEU B 50 -2.63 -1.11 28.58
N VAL B 51 -2.50 -1.42 27.29
CA VAL B 51 -2.86 -2.75 26.82
C VAL B 51 -1.98 -3.80 27.48
N ALA B 52 -0.68 -3.51 27.62
CA ALA B 52 0.22 -4.44 28.29
C ALA B 52 -0.12 -4.58 29.78
N ALA B 53 -0.68 -3.52 30.38
CA ALA B 53 -1.08 -3.61 31.78
C ALA B 53 -2.25 -4.59 31.94
N VAL B 54 -3.26 -4.48 31.08
CA VAL B 54 -4.38 -5.42 31.14
C VAL B 54 -3.91 -6.83 30.83
N LEU B 55 -3.00 -6.96 29.86
CA LEU B 55 -2.45 -8.27 29.53
C LEU B 55 -1.70 -8.87 30.71
N HIS B 56 -1.00 -8.04 31.48
CA HIS B 56 -0.15 -8.53 32.55
C HIS B 56 -0.96 -8.98 33.76
N GLN B 57 -2.06 -8.29 34.07
CA GLN B 57 -2.83 -8.54 35.28
C GLN B 57 -3.90 -9.60 35.10
N ASN B 58 -4.07 -10.15 33.91
CA ASN B 58 -5.15 -11.09 33.64
C ASN B 58 -4.65 -12.22 32.75
N PRO B 59 -5.25 -13.41 32.88
CA PRO B 59 -4.87 -14.51 31.98
C PRO B 59 -5.31 -14.27 30.54
N LEU B 60 -4.94 -15.19 29.64
CA LEU B 60 -5.22 -14.99 28.23
C LEU B 60 -6.72 -15.05 27.94
N THR B 61 -7.45 -15.94 28.61
CA THR B 61 -8.87 -16.09 28.36
C THR B 61 -9.71 -14.92 28.89
N HIS B 62 -9.10 -14.02 29.66
CA HIS B 62 -9.80 -12.81 30.08
C HIS B 62 -10.10 -11.89 28.90
N LEU B 63 -9.39 -12.06 27.78
CA LEU B 63 -9.60 -11.24 26.59
C LEU B 63 -10.93 -11.53 25.90
N ASP B 64 -11.64 -12.59 26.30
CA ASP B 64 -12.92 -12.94 25.72
C ASP B 64 -14.10 -12.36 26.48
N LYS B 65 -13.85 -11.65 27.58
CA LYS B 65 -14.93 -11.07 28.37
C LYS B 65 -15.59 -9.94 27.59
N LEU B 66 -16.91 -10.03 27.44
CA LEU B 66 -17.66 -9.02 26.69
C LEU B 66 -17.95 -7.81 27.58
N ILE B 67 -17.60 -6.63 27.08
CA ILE B 67 -17.81 -5.37 27.78
C ILE B 67 -18.91 -4.61 27.07
N THR B 68 -19.95 -4.22 27.82
CA THR B 68 -21.06 -3.46 27.28
C THR B 68 -21.00 -2.03 27.78
N TYR B 69 -21.37 -1.09 26.91
CA TYR B 69 -21.32 0.32 27.22
C TYR B 69 -22.51 1.02 26.58
N THR B 70 -22.69 2.29 26.91
CA THR B 70 -23.81 3.10 26.44
C THR B 70 -23.29 4.24 25.57
N SER B 71 -24.23 5.05 25.08
CA SER B 71 -23.86 6.19 24.25
C SER B 71 -23.09 7.25 25.03
N ASP B 72 -23.36 7.37 26.34
CA ASP B 72 -22.65 8.35 27.16
C ASP B 72 -21.18 8.02 27.30
N ASP B 73 -20.79 6.75 27.10
CA ASP B 73 -19.39 6.37 27.18
C ASP B 73 -18.58 6.80 25.96
N ILE B 74 -19.24 7.27 24.90
CA ILE B 74 -18.55 7.76 23.71
C ILE B 74 -18.36 9.26 23.92
N ARG B 75 -17.21 9.62 24.50
CA ARG B 75 -16.91 11.01 24.80
C ARG B 75 -15.83 11.61 23.91
N SER B 76 -15.10 10.78 23.16
CA SER B 76 -14.11 11.24 22.19
C SER B 76 -14.29 10.45 20.91
N ILE B 77 -13.40 10.69 19.94
CA ILE B 77 -13.47 9.97 18.68
C ILE B 77 -13.16 8.49 18.93
N SER B 78 -14.12 7.63 18.60
CA SER B 78 -13.99 6.19 18.80
C SER B 78 -14.50 5.48 17.57
N PRO B 79 -13.64 5.29 16.55
CA PRO B 79 -14.12 4.75 15.28
C PRO B 79 -14.65 3.33 15.38
N VAL B 80 -14.19 2.54 16.34
CA VAL B 80 -14.63 1.17 16.51
C VAL B 80 -15.72 1.05 17.55
N ALA B 81 -15.55 1.71 18.71
CA ALA B 81 -16.52 1.58 19.78
C ALA B 81 -17.87 2.19 19.40
N GLN B 82 -17.87 3.20 18.51
CA GLN B 82 -19.12 3.83 18.12
C GLN B 82 -20.03 2.90 17.33
N GLN B 83 -19.49 1.87 16.70
CA GLN B 83 -20.26 0.94 15.88
C GLN B 83 -20.66 -0.31 16.63
N HIS B 84 -20.33 -0.42 17.92
CA HIS B 84 -20.62 -1.61 18.70
C HIS B 84 -21.31 -1.28 20.02
N VAL B 85 -22.15 -0.25 20.02
CA VAL B 85 -22.90 0.09 21.23
C VAL B 85 -23.97 -0.97 21.49
N GLN B 86 -24.56 -1.52 20.43
CA GLN B 86 -25.59 -2.53 20.61
C GLN B 86 -24.99 -3.86 21.06
N THR B 87 -24.06 -4.40 20.27
CA THR B 87 -23.53 -5.72 20.53
C THR B 87 -22.50 -5.73 21.67
N GLY B 88 -21.79 -4.63 21.86
CA GLY B 88 -20.71 -4.58 22.82
C GLY B 88 -19.38 -5.03 22.22
N MET B 89 -18.33 -4.88 23.01
CA MET B 89 -16.98 -5.23 22.58
C MET B 89 -16.32 -6.11 23.63
N THR B 90 -15.57 -7.11 23.16
CA THR B 90 -14.78 -7.93 24.05
C THR B 90 -13.50 -7.20 24.45
N ILE B 91 -12.85 -7.70 25.49
CA ILE B 91 -11.61 -7.08 25.96
C ILE B 91 -10.53 -7.18 24.87
N GLY B 92 -10.51 -8.29 24.14
CA GLY B 92 -9.55 -8.41 23.05
C GLY B 92 -9.81 -7.40 21.95
N GLN B 93 -11.08 -7.12 21.65
CA GLN B 93 -11.40 -6.10 20.65
C GLN B 93 -11.07 -4.70 21.15
N LEU B 94 -11.17 -4.47 22.47
CA LEU B 94 -10.82 -3.17 23.02
C LEU B 94 -9.32 -2.91 22.92
N CYS B 95 -8.50 -3.94 23.17
CA CYS B 95 -7.05 -3.79 23.02
C CYS B 95 -6.67 -3.54 21.56
N ASP B 96 -7.39 -4.14 20.62
CA ASP B 96 -7.10 -3.94 19.21
C ASP B 96 -7.43 -2.51 18.78
N ALA B 97 -8.62 -2.03 19.16
CA ALA B 97 -9.05 -0.71 18.73
C ALA B 97 -8.25 0.40 19.40
N ALA B 98 -7.84 0.19 20.66
CA ALA B 98 -7.09 1.22 21.37
C ALA B 98 -5.70 1.43 20.78
N ILE B 99 -5.16 0.44 20.08
CA ILE B 99 -3.81 0.53 19.53
C ILE B 99 -3.88 0.91 18.05
N ARG B 100 -4.63 0.12 17.27
CA ARG B 100 -4.59 0.26 15.82
C ARG B 100 -5.30 1.54 15.37
N TYR B 101 -6.49 1.80 15.90
CA TYR B 101 -7.27 2.97 15.51
C TYR B 101 -7.24 4.07 16.55
N SER B 102 -6.49 3.90 17.63
CA SER B 102 -6.42 4.89 18.71
C SER B 102 -7.81 5.25 19.23
N ASP B 103 -8.65 4.23 19.38
CA ASP B 103 -10.01 4.43 19.85
C ASP B 103 -10.00 5.04 21.25
N GLY B 104 -10.78 6.10 21.43
CA GLY B 104 -10.83 6.78 22.71
C GLY B 104 -11.63 6.05 23.75
N THR B 105 -12.83 5.59 23.38
CA THR B 105 -13.69 4.88 24.33
C THR B 105 -13.06 3.56 24.75
N ALA B 106 -12.38 2.87 23.83
CA ALA B 106 -11.74 1.60 24.17
C ALA B 106 -10.66 1.79 25.22
N ALA B 107 -9.92 2.90 25.15
CA ALA B 107 -8.88 3.14 26.16
C ALA B 107 -9.50 3.44 27.52
N ASN B 108 -10.62 4.16 27.54
CA ASN B 108 -11.27 4.47 28.81
C ASN B 108 -11.84 3.21 29.47
N LEU B 109 -12.44 2.33 28.67
CA LEU B 109 -12.98 1.09 29.23
C LEU B 109 -11.86 0.19 29.74
N LEU B 110 -10.74 0.13 29.02
CA LEU B 110 -9.60 -0.66 29.48
C LEU B 110 -9.03 -0.11 30.78
N LEU B 111 -9.03 1.21 30.93
CA LEU B 111 -8.58 1.81 32.18
C LEU B 111 -9.49 1.39 33.34
N ALA B 112 -10.80 1.31 33.09
CA ALA B 112 -11.72 0.82 34.10
C ALA B 112 -11.50 -0.66 34.37
N ASP B 113 -11.11 -1.43 33.36
CA ASP B 113 -10.83 -2.84 33.56
C ASP B 113 -9.64 -3.05 34.48
N LEU B 114 -8.69 -2.10 34.48
CA LEU B 114 -7.58 -2.17 35.42
C LEU B 114 -8.06 -2.00 36.85
N GLY B 115 -9.14 -1.25 37.06
CA GLY B 115 -9.68 -1.04 38.39
C GLY B 115 -8.87 -0.06 39.21
N GLY B 116 -9.54 0.71 40.06
CA GLY B 116 -8.85 1.65 40.92
C GLY B 116 -9.51 3.01 40.95
N PRO B 117 -8.86 3.98 41.60
CA PRO B 117 -9.46 5.31 41.75
C PRO B 117 -9.47 6.06 40.43
N GLY B 118 -10.54 6.83 40.22
CA GLY B 118 -10.68 7.69 39.06
C GLY B 118 -10.60 6.97 37.74
N GLY B 119 -11.38 5.89 37.59
CA GLY B 119 -11.40 5.13 36.37
C GLY B 119 -10.18 4.29 36.09
N GLY B 120 -9.32 4.06 37.08
CA GLY B 120 -8.17 3.20 36.91
C GLY B 120 -6.89 3.86 36.43
N THR B 121 -6.82 5.20 36.42
CA THR B 121 -5.60 5.86 35.99
C THR B 121 -4.50 5.71 37.04
N ALA B 122 -4.87 5.52 38.31
CA ALA B 122 -3.88 5.28 39.35
C ALA B 122 -3.25 3.90 39.22
N ALA B 123 -4.00 2.94 38.68
CA ALA B 123 -3.45 1.60 38.47
C ALA B 123 -2.51 1.55 37.27
N PHE B 124 -2.86 2.28 36.20
CA PHE B 124 -1.96 2.35 35.06
C PHE B 124 -0.63 2.99 35.44
N THR B 125 -0.68 4.07 36.22
CA THR B 125 0.55 4.69 36.70
C THR B 125 1.34 3.73 37.59
N GLY B 126 0.63 2.96 38.42
CA GLY B 126 1.32 1.98 39.26
C GLY B 126 1.98 0.89 38.46
N TYR B 127 1.42 0.54 37.30
CA TYR B 127 2.05 -0.44 36.43
C TYR B 127 3.35 0.12 35.85
N LEU B 128 3.39 1.42 35.56
CA LEU B 128 4.62 2.03 35.07
C LEU B 128 5.68 2.07 36.16
N ARG B 129 5.27 2.31 37.41
CA ARG B 129 6.21 2.26 38.52
C ARG B 129 6.79 0.85 38.70
N SER B 130 6.00 -0.17 38.38
CA SER B 130 6.49 -1.54 38.46
C SER B 130 7.60 -1.80 37.45
N LEU B 131 7.44 -1.26 36.24
CA LEU B 131 8.44 -1.45 35.19
C LEU B 131 9.71 -0.63 35.43
N GLY B 132 9.71 0.26 36.42
CA GLY B 132 10.84 1.11 36.70
C GLY B 132 10.63 2.57 36.38
N ASP B 133 9.52 2.92 35.73
CA ASP B 133 9.24 4.31 35.38
C ASP B 133 8.81 5.06 36.63
N THR B 134 9.63 6.02 37.06
CA THR B 134 9.31 6.87 38.21
C THR B 134 9.08 8.33 37.79
N VAL B 135 8.81 8.58 36.52
CA VAL B 135 8.64 9.92 36.00
C VAL B 135 7.25 10.14 35.41
N SER B 136 6.75 9.17 34.64
CA SER B 136 5.47 9.32 33.97
C SER B 136 4.32 9.27 34.96
N ARG B 137 3.16 9.76 34.52
CA ARG B 137 1.97 9.78 35.37
C ARG B 137 0.75 9.98 34.48
N LEU B 138 -0.35 9.33 34.86
CA LEU B 138 -1.63 9.49 34.20
C LEU B 138 -2.67 9.85 35.24
N ASP B 139 -3.42 10.92 34.99
CA ASP B 139 -4.36 11.43 35.98
C ASP B 139 -5.76 11.61 35.40
N ALA B 140 -5.85 11.84 34.09
CA ALA B 140 -7.11 12.06 33.42
C ALA B 140 -7.42 10.91 32.48
N GLU B 141 -8.60 10.98 31.87
CA GLU B 141 -9.07 9.99 30.90
C GLU B 141 -9.13 10.63 29.52
N GLU B 142 -9.75 9.92 28.58
CA GLU B 142 -9.91 10.53 27.26
C GLU B 142 -11.18 11.35 27.21
N PRO B 143 -11.14 12.56 26.61
CA PRO B 143 -9.95 13.16 26.01
C PRO B 143 -9.33 14.26 26.86
N GLU B 144 -9.60 14.25 28.17
CA GLU B 144 -9.11 15.31 29.03
C GLU B 144 -7.60 15.33 29.13
N LEU B 145 -6.95 14.17 28.98
CA LEU B 145 -5.50 14.09 29.09
C LEU B 145 -4.79 14.69 27.87
N ASN B 146 -5.52 15.10 26.84
CA ASN B 146 -4.91 15.67 25.64
C ASN B 146 -4.90 17.20 25.63
N ARG B 147 -5.71 17.84 26.46
CA ARG B 147 -5.83 19.30 26.47
C ARG B 147 -5.22 19.94 27.71
N ASP B 148 -4.27 19.26 28.36
CA ASP B 148 -3.59 19.85 29.50
C ASP B 148 -2.75 21.05 29.05
N PRO B 149 -2.63 22.07 29.89
CA PRO B 149 -1.86 23.26 29.51
C PRO B 149 -0.37 22.99 29.60
N PRO B 150 0.44 23.72 28.84
CA PRO B 150 1.90 23.53 28.94
C PRO B 150 2.40 23.89 30.34
N GLY B 151 3.44 23.18 30.77
CA GLY B 151 3.98 23.32 32.10
C GLY B 151 3.37 22.38 33.12
N ASP B 152 2.16 21.91 32.90
CA ASP B 152 1.52 20.97 33.82
C ASP B 152 2.13 19.58 33.64
N GLU B 153 2.43 18.94 34.77
CA GLU B 153 2.95 17.59 34.77
C GLU B 153 1.87 16.52 34.71
N ARG B 154 0.60 16.93 34.68
CA ARG B 154 -0.50 15.97 34.60
C ARG B 154 -0.53 15.30 33.23
N ASP B 155 -0.53 13.97 33.23
CA ASP B 155 -0.62 13.17 32.00
C ASP B 155 0.56 13.43 31.07
N THR B 156 1.76 13.47 31.63
CA THR B 156 2.98 13.67 30.85
C THR B 156 4.00 12.58 31.15
N THR B 157 4.87 12.35 30.18
CA THR B 157 6.01 11.46 30.34
C THR B 157 7.25 12.13 29.76
N THR B 158 8.35 11.39 29.64
CA THR B 158 9.54 11.90 28.98
C THR B 158 9.97 10.92 27.89
N PRO B 159 10.56 11.41 26.81
CA PRO B 159 11.04 10.50 25.76
C PRO B 159 12.06 9.49 26.28
N HIS B 160 12.78 9.81 27.34
CA HIS B 160 13.71 8.86 27.93
C HIS B 160 12.97 7.77 28.69
N ALA B 161 11.88 8.13 29.38
CA ALA B 161 11.18 7.15 30.20
C ALA B 161 10.27 6.26 29.36
N ILE B 162 9.60 6.83 28.36
CA ILE B 162 8.67 6.04 27.56
C ILE B 162 9.42 5.08 26.64
N ALA B 163 10.66 5.42 26.26
CA ALA B 163 11.43 4.51 25.42
C ALA B 163 11.91 3.30 26.20
N LEU B 164 12.23 3.48 27.48
CA LEU B 164 12.64 2.34 28.30
C LEU B 164 11.44 1.46 28.69
N VAL B 165 10.26 2.05 28.84
CA VAL B 165 9.06 1.26 29.10
C VAL B 165 8.71 0.41 27.88
N LEU B 166 8.77 1.00 26.69
CA LEU B 166 8.47 0.26 25.47
C LEU B 166 9.50 -0.82 25.20
N GLN B 167 10.73 -0.64 25.67
CA GLN B 167 11.78 -1.62 25.40
C GLN B 167 11.52 -2.93 26.16
N GLN B 168 11.11 -2.84 27.42
CA GLN B 168 10.83 -4.06 28.18
C GLN B 168 9.55 -4.73 27.72
N LEU B 169 8.58 -3.96 27.23
CA LEU B 169 7.30 -4.54 26.84
C LEU B 169 7.40 -5.31 25.53
N VAL B 170 8.33 -4.93 24.65
CA VAL B 170 8.47 -5.54 23.35
C VAL B 170 9.74 -6.38 23.26
N LEU B 171 10.88 -5.80 23.61
CA LEU B 171 12.16 -6.52 23.54
C LEU B 171 12.51 -7.23 24.84
N GLY B 172 12.06 -6.71 25.98
CA GLY B 172 12.35 -7.31 27.26
C GLY B 172 11.48 -8.52 27.56
N ASN B 173 11.11 -8.70 28.83
CA ASN B 173 10.29 -9.83 29.24
C ASN B 173 9.30 -9.41 30.31
N ALA B 174 8.75 -8.20 30.19
CA ALA B 174 7.69 -7.78 31.08
C ALA B 174 6.41 -8.57 30.86
N LEU B 175 6.27 -9.20 29.70
CA LEU B 175 5.14 -10.06 29.37
C LEU B 175 5.66 -11.39 28.87
N PRO B 176 4.94 -12.49 29.14
CA PRO B 176 5.32 -13.79 28.56
C PRO B 176 5.20 -13.75 27.05
N PRO B 177 5.86 -14.69 26.35
CA PRO B 177 5.85 -14.64 24.88
C PRO B 177 4.46 -14.69 24.27
N ASP B 178 3.50 -15.34 24.92
CA ASP B 178 2.15 -15.41 24.36
C ASP B 178 1.48 -14.04 24.38
N LYS B 179 1.53 -13.34 25.52
CA LYS B 179 0.95 -12.01 25.61
C LYS B 179 1.79 -11.00 24.84
N ARG B 180 3.12 -11.15 24.87
CA ARG B 180 3.99 -10.21 24.17
C ARG B 180 3.76 -10.25 22.66
N ALA B 181 3.45 -11.43 22.11
CA ALA B 181 3.22 -11.53 20.68
C ALA B 181 1.92 -10.84 20.27
N LEU B 182 0.95 -10.76 21.19
CA LEU B 182 -0.29 -10.05 20.88
C LEU B 182 -0.06 -8.55 20.82
N LEU B 183 0.71 -8.01 21.77
CA LEU B 183 0.98 -6.58 21.78
C LEU B 183 1.84 -6.18 20.59
N THR B 184 2.84 -7.00 20.25
CA THR B 184 3.69 -6.69 19.10
C THR B 184 2.89 -6.73 17.79
N ASP B 185 1.99 -7.70 17.66
CA ASP B 185 1.19 -7.81 16.44
C ASP B 185 0.22 -6.64 16.31
N TRP B 186 -0.33 -6.18 17.43
CA TRP B 186 -1.25 -5.03 17.40
C TRP B 186 -0.52 -3.77 16.97
N MET B 187 0.66 -3.52 17.55
CA MET B 187 1.43 -2.34 17.18
C MET B 187 1.98 -2.44 15.76
N ALA B 188 2.12 -3.65 15.22
CA ALA B 188 2.60 -3.80 13.85
C ALA B 188 1.55 -3.38 12.83
N ARG B 189 0.28 -3.63 13.13
CA ARG B 189 -0.82 -3.30 12.23
C ARG B 189 -1.46 -1.96 12.57
N ASN B 190 -0.68 -1.03 13.11
CA ASN B 190 -1.20 0.30 13.41
C ASN B 190 -1.61 1.01 12.13
N THR B 191 -2.66 1.81 12.21
CA THR B 191 -3.21 2.50 11.04
C THR B 191 -3.13 4.03 11.17
N THR B 192 -2.43 4.54 12.18
CA THR B 192 -2.40 5.97 12.43
C THR B 192 -1.00 6.58 12.37
N GLY B 193 0.02 5.80 12.02
CA GLY B 193 1.37 6.33 12.00
C GLY B 193 2.06 6.22 10.66
N ALA B 194 1.30 6.38 9.58
CA ALA B 194 1.88 6.24 8.25
C ALA B 194 2.78 7.43 7.91
N LYS B 195 2.41 8.63 8.36
CA LYS B 195 3.14 9.85 8.03
C LYS B 195 4.06 10.31 9.15
N ARG B 196 4.48 9.40 10.04
CA ARG B 196 5.28 9.77 11.19
C ARG B 196 6.60 9.00 11.10
N ILE B 197 6.93 8.19 12.11
CA ILE B 197 8.21 7.47 12.11
C ILE B 197 8.28 6.51 10.92
N ARG B 198 7.14 5.90 10.57
CA ARG B 198 7.13 4.96 9.44
C ARG B 198 7.56 5.65 8.16
N ALA B 199 7.18 6.92 7.99
CA ALA B 199 7.56 7.67 6.79
C ALA B 199 9.01 8.12 6.82
N GLY B 200 9.69 8.00 7.95
CA GLY B 200 11.07 8.46 8.06
C GLY B 200 12.10 7.37 7.88
N PHE B 201 11.66 6.11 7.94
CA PHE B 201 12.57 4.97 7.81
C PHE B 201 12.41 4.32 6.45
N PRO B 202 13.49 3.75 5.90
CA PRO B 202 13.37 3.00 4.64
C PRO B 202 12.35 1.88 4.76
N ALA B 203 11.82 1.47 3.60
CA ALA B 203 10.70 0.53 3.59
C ALA B 203 11.12 -0.85 4.09
N ASP B 204 12.37 -1.25 3.88
CA ASP B 204 12.82 -2.56 4.31
C ASP B 204 13.09 -2.65 5.80
N TRP B 205 12.77 -1.60 6.56
CA TRP B 205 12.81 -1.63 8.01
C TRP B 205 11.41 -1.88 8.54
N LYS B 206 11.27 -2.89 9.41
CA LYS B 206 9.98 -3.17 10.02
C LYS B 206 9.76 -2.21 11.18
N VAL B 207 8.60 -1.56 11.19
CA VAL B 207 8.28 -0.53 12.17
C VAL B 207 6.94 -0.86 12.81
N ILE B 208 6.95 -1.08 14.12
CA ILE B 208 5.74 -1.14 14.93
C ILE B 208 5.70 0.12 15.77
N ASP B 209 4.51 0.68 15.98
CA ASP B 209 4.44 1.99 16.60
C ASP B 209 3.05 2.24 17.18
N LYS B 210 2.99 3.23 18.08
CA LYS B 210 1.74 3.78 18.58
C LYS B 210 1.87 5.28 18.62
N THR B 211 0.91 5.98 18.02
CA THR B 211 0.99 7.42 17.84
C THR B 211 0.21 8.15 18.95
N GLY B 212 0.45 9.45 19.03
CA GLY B 212 -0.24 10.30 19.96
C GLY B 212 -0.39 11.71 19.43
N THR B 213 -1.57 12.30 19.62
CA THR B 213 -1.84 13.65 19.11
C THR B 213 -2.80 14.34 20.06
N GLY B 214 -2.56 15.64 20.29
CA GLY B 214 -3.42 16.43 21.15
C GLY B 214 -3.40 17.90 20.77
N ASP B 215 -3.94 18.74 21.64
CA ASP B 215 -3.93 20.18 21.39
C ASP B 215 -2.51 20.73 21.55
N TYR B 216 -2.38 22.04 21.35
CA TYR B 216 -1.08 22.72 21.40
C TYR B 216 -0.09 22.13 20.40
N GLY B 217 -0.60 21.63 19.28
CA GLY B 217 0.27 21.04 18.27
C GLY B 217 1.03 19.82 18.73
N ARG B 218 0.49 19.09 19.70
CA ARG B 218 1.18 17.91 20.23
C ARG B 218 1.15 16.77 19.23
N ALA B 219 2.30 16.15 19.01
CA ALA B 219 2.41 15.03 18.07
C ALA B 219 3.55 14.15 18.54
N ASN B 220 3.22 12.96 19.04
CA ASN B 220 4.20 11.99 19.50
C ASN B 220 4.06 10.69 18.70
N ASP B 221 5.11 9.87 18.75
CA ASP B 221 5.08 8.56 18.11
C ASP B 221 6.21 7.73 18.72
N ILE B 222 5.84 6.70 19.48
CA ILE B 222 6.80 5.75 20.05
C ILE B 222 6.79 4.50 19.19
N ALA B 223 7.97 3.93 18.95
CA ALA B 223 8.09 2.86 17.98
C ALA B 223 9.28 1.98 18.31
N VAL B 224 9.25 0.77 17.75
CA VAL B 224 10.38 -0.15 17.75
C VAL B 224 10.63 -0.56 16.31
N VAL B 225 11.84 -0.30 15.81
CA VAL B 225 12.19 -0.58 14.43
C VAL B 225 13.19 -1.72 14.37
N TRP B 226 13.24 -2.38 13.22
CA TRP B 226 14.14 -3.50 12.98
C TRP B 226 14.93 -3.24 11.71
N SER B 227 16.25 -3.40 11.79
CA SER B 227 17.11 -3.22 10.65
C SER B 227 16.84 -4.30 9.60
N PRO B 228 17.28 -4.09 8.35
CA PRO B 228 17.13 -5.15 7.35
C PRO B 228 17.85 -6.44 7.73
N THR B 229 18.88 -6.36 8.57
CA THR B 229 19.56 -7.55 9.06
C THR B 229 18.92 -8.12 10.31
N GLY B 230 18.09 -7.35 11.01
CA GLY B 230 17.36 -7.82 12.16
C GLY B 230 17.75 -7.24 13.50
N VAL B 231 18.44 -6.11 13.54
CA VAL B 231 18.83 -5.49 14.80
C VAL B 231 17.70 -4.56 15.26
N PRO B 232 17.20 -4.73 16.48
CA PRO B 232 16.07 -3.92 16.95
C PRO B 232 16.50 -2.68 17.70
N TYR B 233 15.79 -1.58 17.43
CA TYR B 233 15.99 -0.32 18.13
C TYR B 233 14.64 0.26 18.50
N VAL B 234 14.60 0.99 19.62
CA VAL B 234 13.42 1.68 20.09
C VAL B 234 13.61 3.17 19.86
N VAL B 235 12.61 3.81 19.26
CA VAL B 235 12.66 5.23 18.93
C VAL B 235 11.46 5.91 19.57
N ALA B 236 11.72 6.90 20.41
CA ALA B 236 10.67 7.67 21.09
C ALA B 236 10.80 9.13 20.64
N VAL B 237 9.85 9.57 19.81
CA VAL B 237 9.84 10.93 19.28
C VAL B 237 8.56 11.61 19.76
N MET B 238 8.72 12.71 20.49
CA MET B 238 7.59 13.51 20.95
C MET B 238 7.83 14.98 20.61
N SER B 239 6.75 15.72 20.46
CA SER B 239 6.86 17.13 20.09
C SER B 239 5.57 17.85 20.45
N ASP B 240 5.69 19.17 20.65
CA ASP B 240 4.53 20.03 20.83
C ASP B 240 4.82 21.38 20.19
N ARG B 241 3.79 22.21 20.10
CA ARG B 241 3.93 23.58 19.63
C ARG B 241 3.14 24.50 20.55
N ALA B 242 3.38 24.37 21.86
CA ALA B 242 2.58 25.06 22.86
C ALA B 242 2.66 26.57 22.74
N GLY B 243 3.71 27.11 22.12
CA GLY B 243 3.79 28.55 21.90
C GLY B 243 2.73 29.04 20.93
N GLY B 244 2.26 28.18 20.05
CA GLY B 244 1.23 28.51 19.09
C GLY B 244 -0.18 28.49 19.61
N GLY B 245 -0.38 28.15 20.88
CA GLY B 245 -1.70 28.20 21.48
C GLY B 245 -2.41 26.85 21.46
N TYR B 246 -3.66 26.89 21.93
CA TYR B 246 -4.48 25.70 22.01
C TYR B 246 -4.71 25.10 20.63
N ASP B 247 -5.14 25.92 19.67
CA ASP B 247 -5.49 25.47 18.33
C ASP B 247 -4.27 25.32 17.41
N ALA B 248 -3.06 25.26 17.97
CA ALA B 248 -1.87 25.14 17.14
C ALA B 248 -1.88 23.82 16.39
N GLU B 249 -1.59 23.89 15.09
CA GLU B 249 -1.63 22.71 14.24
C GLU B 249 -0.40 21.83 14.48
N PRO B 250 -0.58 20.52 14.59
CA PRO B 250 0.59 19.63 14.69
C PRO B 250 1.24 19.41 13.34
N ARG B 251 2.54 19.11 13.38
CA ARG B 251 3.34 18.91 12.18
C ARG B 251 3.89 17.49 12.20
N GLU B 252 3.24 16.59 11.44
CA GLU B 252 3.72 15.21 11.37
C GLU B 252 5.05 15.11 10.65
N ALA B 253 5.32 16.03 9.71
CA ALA B 253 6.57 15.99 8.96
C ALA B 253 7.78 16.17 9.86
N LEU B 254 7.61 16.85 10.99
CA LEU B 254 8.71 16.99 11.94
C LEU B 254 9.10 15.65 12.53
N LEU B 255 8.11 14.79 12.81
CA LEU B 255 8.40 13.45 13.33
C LEU B 255 9.00 12.58 12.24
N ALA B 256 8.54 12.73 11.00
CA ALA B 256 9.09 11.93 9.91
C ALA B 256 10.50 12.37 9.56
N GLU B 257 10.79 13.67 9.62
CA GLU B 257 12.11 14.16 9.30
C GLU B 257 13.11 13.82 10.40
N ALA B 258 12.68 13.91 11.66
CA ALA B 258 13.56 13.51 12.76
C ALA B 258 13.86 12.02 12.70
N ALA B 259 12.87 11.21 12.30
CA ALA B 259 13.09 9.78 12.16
C ALA B 259 14.11 9.48 11.08
N THR B 260 14.10 10.25 9.98
CA THR B 260 15.09 10.06 8.94
C THR B 260 16.50 10.40 9.43
N CYS B 261 16.62 11.36 10.35
CA CYS B 261 17.92 11.67 10.93
C CYS B 261 18.43 10.52 11.79
N VAL B 262 17.54 9.89 12.56
CA VAL B 262 17.93 8.75 13.39
C VAL B 262 18.29 7.56 12.52
N ALA B 263 17.56 7.37 11.40
CA ALA B 263 17.80 6.23 10.53
C ALA B 263 19.20 6.30 9.92
N GLY B 264 19.66 7.50 9.56
CA GLY B 264 20.99 7.62 9.01
C GLY B 264 22.09 7.35 10.01
N VAL B 265 21.86 7.69 11.28
CA VAL B 265 22.86 7.45 12.32
C VAL B 265 22.89 5.97 12.69
N LEU B 266 21.71 5.33 12.79
CA LEU B 266 21.64 3.92 13.09
C LEU B 266 22.08 3.04 11.93
N ALA B 267 22.23 3.60 10.73
CA ALA B 267 22.63 2.83 9.56
C ALA B 267 24.08 2.38 9.67
N ASP C 3 31.45 12.78 12.32
CA ASP C 3 30.80 13.36 11.14
C ASP C 3 30.35 12.25 10.18
N LEU C 4 29.84 12.66 9.01
CA LEU C 4 29.41 11.69 8.02
C LEU C 4 30.59 10.88 7.48
N ALA C 5 31.80 11.45 7.50
CA ALA C 5 32.96 10.73 7.00
C ALA C 5 33.34 9.56 7.88
N ASP C 6 32.99 9.62 9.17
CA ASP C 6 33.29 8.51 10.08
C ASP C 6 32.32 7.36 9.89
N ARG C 7 31.04 7.65 9.66
CA ARG C 7 30.10 6.61 9.27
C ARG C 7 30.45 6.04 7.91
N PHE C 8 30.92 6.91 7.00
CA PHE C 8 31.39 6.45 5.70
C PHE C 8 32.71 5.69 5.81
N ALA C 9 33.41 5.81 6.93
CA ALA C 9 34.62 5.02 7.18
C ALA C 9 34.33 3.75 7.99
N GLU C 10 33.09 3.56 8.42
CA GLU C 10 32.71 2.37 9.18
C GLU C 10 32.17 1.27 8.27
N LEU C 11 31.27 1.62 7.34
CA LEU C 11 30.71 0.62 6.44
C LEU C 11 31.79 -0.04 5.59
N GLU C 12 32.86 0.70 5.26
CA GLU C 12 33.99 0.11 4.54
C GLU C 12 34.58 -1.04 5.34
N ARG C 13 34.66 -0.90 6.66
CA ARG C 13 35.11 -2.00 7.50
C ARG C 13 34.02 -3.03 7.71
N ARG C 14 32.75 -2.60 7.77
CA ARG C 14 31.65 -3.54 7.96
C ARG C 14 31.48 -4.46 6.76
N TYR C 15 31.71 -3.95 5.55
CA TYR C 15 31.51 -4.72 4.33
C TYR C 15 32.81 -5.05 3.62
N ASP C 16 33.97 -4.69 4.20
CA ASP C 16 35.28 -5.01 3.62
C ASP C 16 35.42 -4.46 2.21
N ALA C 17 34.87 -3.27 1.98
CA ALA C 17 34.80 -2.66 0.66
C ALA C 17 35.46 -1.28 0.68
N ARG C 18 35.50 -0.66 -0.50
CA ARG C 18 36.02 0.70 -0.67
C ARG C 18 34.87 1.56 -1.18
N LEU C 19 34.31 2.37 -0.29
CA LEU C 19 33.10 3.12 -0.58
C LEU C 19 33.43 4.51 -1.09
N GLY C 20 32.66 4.96 -2.09
CA GLY C 20 32.83 6.29 -2.65
C GLY C 20 31.51 7.00 -2.84
N VAL C 21 31.30 8.10 -2.11
CA VAL C 21 30.05 8.85 -2.16
C VAL C 21 30.35 10.29 -2.57
N TYR C 22 29.41 10.87 -3.31
CA TYR C 22 29.48 12.30 -3.62
C TYR C 22 28.07 12.83 -3.87
N VAL C 23 27.70 13.85 -3.10
CA VAL C 23 26.44 14.57 -3.30
C VAL C 23 26.79 16.02 -3.63
N PRO C 24 26.66 16.45 -4.89
CA PRO C 24 26.98 17.84 -5.23
C PRO C 24 26.19 18.83 -4.39
N ALA C 25 26.85 19.92 -4.03
CA ALA C 25 26.24 20.93 -3.18
C ALA C 25 25.17 21.69 -3.94
N THR C 26 24.01 21.88 -3.31
CA THR C 26 22.95 22.72 -3.83
C THR C 26 22.89 24.01 -3.02
N GLY C 27 21.88 24.83 -3.29
CA GLY C 27 21.78 26.13 -2.63
C GLY C 27 21.46 26.05 -1.14
N THR C 28 20.89 24.93 -0.69
CA THR C 28 20.46 24.81 0.70
C THR C 28 21.54 24.21 1.59
N THR C 29 22.03 23.02 1.25
CA THR C 29 23.02 22.32 2.05
C THR C 29 24.36 22.25 1.31
N ALA C 30 25.33 21.61 1.94
CA ALA C 30 26.70 21.55 1.45
C ALA C 30 26.88 20.32 0.57
N ALA C 31 28.12 19.88 0.37
CA ALA C 31 28.45 18.76 -0.50
C ALA C 31 29.00 17.61 0.34
N ILE C 32 28.37 16.45 0.23
CA ILE C 32 28.84 15.25 0.91
C ILE C 32 29.85 14.56 0.00
N GLU C 33 31.07 14.38 0.50
CA GLU C 33 32.15 13.77 -0.27
C GLU C 33 32.89 12.74 0.57
N TYR C 34 33.10 11.56 0.01
CA TYR C 34 33.92 10.53 0.64
C TYR C 34 34.56 9.71 -0.47
N ARG C 35 35.87 9.83 -0.63
CA ARG C 35 36.59 9.26 -1.77
C ARG C 35 35.96 9.72 -3.07
N ALA C 36 35.65 11.01 -3.14
CA ALA C 36 34.92 11.56 -4.28
C ALA C 36 35.76 11.59 -5.55
N ASP C 37 37.07 11.83 -5.42
CA ASP C 37 37.94 11.92 -6.57
C ASP C 37 38.68 10.61 -6.86
N GLU C 38 38.52 9.60 -6.02
CA GLU C 38 39.12 8.30 -6.29
C GLU C 38 38.37 7.61 -7.42
N ARG C 39 39.11 6.95 -8.30
CA ARG C 39 38.52 6.38 -9.51
C ARG C 39 37.85 5.05 -9.21
N PHE C 40 36.62 4.90 -9.69
CA PHE C 40 35.89 3.65 -9.65
C PHE C 40 35.48 3.26 -11.07
N ALA C 41 35.19 1.99 -11.26
CA ALA C 41 34.84 1.50 -12.59
C ALA C 41 33.48 2.04 -13.02
N PHE C 42 33.39 2.42 -14.30
CA PHE C 42 32.11 2.84 -14.86
C PHE C 42 31.05 1.75 -14.70
N CYS C 43 31.38 0.55 -15.14
CA CYS C 43 30.46 -0.61 -15.13
C CYS C 43 29.23 -0.22 -15.96
N SER C 44 28.03 -0.58 -15.54
CA SER C 44 26.83 -0.30 -16.32
C SER C 44 26.29 1.11 -16.09
N THR C 45 26.98 1.94 -15.31
CA THR C 45 26.51 3.31 -15.09
C THR C 45 26.83 4.22 -16.26
N PHE C 46 27.74 3.83 -17.15
CA PHE C 46 28.05 4.63 -18.33
C PHE C 46 26.87 4.69 -19.30
N LYS C 47 25.89 3.80 -19.16
CA LYS C 47 24.73 3.81 -20.06
C LYS C 47 23.82 5.00 -19.79
N ALA C 48 23.88 5.59 -18.60
CA ALA C 48 23.06 6.78 -18.35
C ALA C 48 23.52 7.97 -19.18
N PRO C 49 24.81 8.36 -19.19
CA PRO C 49 25.23 9.41 -20.13
C PRO C 49 25.35 8.92 -21.57
N LEU C 50 25.34 7.62 -21.81
CA LEU C 50 25.45 7.10 -23.17
C LEU C 50 24.24 7.48 -24.00
N VAL C 51 23.04 7.06 -23.56
CA VAL C 51 21.83 7.39 -24.31
C VAL C 51 21.60 8.89 -24.34
N ALA C 52 22.14 9.63 -23.37
CA ALA C 52 22.04 11.08 -23.42
C ALA C 52 22.90 11.65 -24.55
N ALA C 53 24.03 11.02 -24.83
CA ALA C 53 24.83 11.42 -25.98
C ALA C 53 24.12 11.06 -27.28
N VAL C 54 23.46 9.89 -27.32
CA VAL C 54 22.69 9.52 -28.49
C VAL C 54 21.48 10.43 -28.65
N LEU C 55 20.93 10.93 -27.54
CA LEU C 55 19.83 11.89 -27.64
C LEU C 55 20.32 13.24 -28.13
N HIS C 56 21.51 13.64 -27.71
CA HIS C 56 21.97 15.01 -27.97
C HIS C 56 22.26 15.23 -29.46
N GLN C 57 23.17 14.45 -30.03
CA GLN C 57 23.66 14.71 -31.38
C GLN C 57 22.75 14.17 -32.48
N ASN C 58 21.52 13.78 -32.15
CA ASN C 58 20.55 13.33 -33.14
C ASN C 58 19.18 13.88 -32.78
N PRO C 59 18.35 14.22 -33.76
CA PRO C 59 17.01 14.73 -33.45
C PRO C 59 16.06 13.64 -32.98
N LEU C 60 14.84 14.02 -32.62
CA LEU C 60 13.89 13.07 -32.05
C LEU C 60 13.48 12.00 -33.05
N THR C 61 13.52 12.32 -34.35
CA THR C 61 13.14 11.35 -35.37
C THR C 61 14.16 10.22 -35.49
N HIS C 62 15.38 10.40 -34.96
CA HIS C 62 16.38 9.35 -35.02
C HIS C 62 16.01 8.15 -34.15
N LEU C 63 15.10 8.32 -33.19
CA LEU C 63 14.73 7.23 -32.30
C LEU C 63 14.04 6.10 -33.04
N ASP C 64 13.37 6.39 -34.16
CA ASP C 64 12.64 5.37 -34.91
C ASP C 64 13.54 4.55 -35.82
N LYS C 65 14.84 4.83 -35.86
CA LYS C 65 15.74 4.12 -36.77
C LYS C 65 15.93 2.68 -36.31
N LEU C 66 15.74 1.74 -37.24
CA LEU C 66 15.86 0.32 -36.96
C LEU C 66 17.31 -0.12 -37.08
N ILE C 67 17.70 -1.07 -36.23
CA ILE C 67 19.03 -1.67 -36.27
C ILE C 67 18.88 -3.18 -36.30
N THR C 68 19.44 -3.82 -37.32
CA THR C 68 19.47 -5.28 -37.41
C THR C 68 20.81 -5.80 -36.87
N TYR C 69 20.75 -6.92 -36.17
CA TYR C 69 21.94 -7.49 -35.57
C TYR C 69 21.81 -9.01 -35.55
N THR C 70 22.93 -9.68 -35.29
CA THR C 70 23.01 -11.14 -35.32
C THR C 70 23.22 -11.68 -33.92
N SER C 71 23.37 -13.01 -33.84
CA SER C 71 23.56 -13.66 -32.54
C SER C 71 24.96 -13.42 -31.99
N ASP C 72 25.96 -13.24 -32.86
CA ASP C 72 27.31 -12.97 -32.41
C ASP C 72 27.42 -11.62 -31.71
N ASP C 73 26.52 -10.69 -32.01
CA ASP C 73 26.54 -9.39 -31.34
C ASP C 73 26.12 -9.49 -29.88
N ILE C 74 25.37 -10.53 -29.52
CA ILE C 74 25.01 -10.75 -28.12
C ILE C 74 26.25 -11.26 -27.38
N ARG C 75 26.77 -10.46 -26.46
CA ARG C 75 28.02 -10.79 -25.78
C ARG C 75 27.85 -10.78 -24.27
N SER C 76 27.30 -9.71 -23.72
CA SER C 76 27.02 -9.62 -22.30
C SER C 76 25.58 -10.10 -22.05
N ILE C 77 25.10 -9.93 -20.83
CA ILE C 77 23.71 -10.27 -20.55
C ILE C 77 22.80 -9.32 -21.31
N SER C 78 21.73 -9.86 -21.88
CA SER C 78 20.83 -9.09 -22.75
C SER C 78 19.44 -9.68 -22.65
N PRO C 79 18.69 -9.30 -21.61
CA PRO C 79 17.33 -9.84 -21.46
C PRO C 79 16.37 -9.37 -22.53
N VAL C 80 16.59 -8.18 -23.10
CA VAL C 80 15.70 -7.63 -24.10
C VAL C 80 16.26 -7.80 -25.51
N ALA C 81 17.57 -7.68 -25.68
CA ALA C 81 18.18 -7.76 -27.00
C ALA C 81 18.19 -9.19 -27.55
N GLN C 82 18.11 -10.20 -26.67
CA GLN C 82 18.16 -11.58 -27.13
C GLN C 82 16.84 -12.08 -27.72
N GLN C 83 15.76 -11.31 -27.58
CA GLN C 83 14.46 -11.71 -28.10
C GLN C 83 14.06 -10.94 -29.36
N HIS C 84 14.98 -10.19 -29.95
CA HIS C 84 14.71 -9.39 -31.14
C HIS C 84 15.78 -9.57 -32.18
N VAL C 85 16.32 -10.80 -32.29
CA VAL C 85 17.37 -11.06 -33.27
C VAL C 85 16.81 -11.06 -34.68
N GLN C 86 15.60 -11.59 -34.87
CA GLN C 86 15.00 -11.66 -36.19
C GLN C 86 14.35 -10.35 -36.60
N THR C 87 13.67 -9.68 -35.66
CA THR C 87 12.93 -8.47 -35.98
C THR C 87 13.78 -7.20 -35.85
N GLY C 88 14.84 -7.23 -35.05
CA GLY C 88 15.65 -6.05 -34.83
C GLY C 88 15.00 -5.09 -33.84
N MET C 89 15.77 -4.09 -33.45
CA MET C 89 15.33 -3.09 -32.49
C MET C 89 15.54 -1.69 -33.04
N THR C 90 14.77 -0.74 -32.52
CA THR C 90 14.91 0.65 -32.91
C THR C 90 15.91 1.36 -32.00
N ILE C 91 16.21 2.61 -32.33
CA ILE C 91 17.12 3.41 -31.51
C ILE C 91 16.54 3.60 -30.11
N GLY C 92 15.27 4.00 -30.04
CA GLY C 92 14.64 4.22 -28.75
C GLY C 92 14.47 2.94 -27.96
N GLN C 93 14.21 1.82 -28.64
CA GLN C 93 14.14 0.53 -27.95
C GLN C 93 15.47 0.16 -27.34
N LEU C 94 16.58 0.51 -28.00
CA LEU C 94 17.89 0.25 -27.43
C LEU C 94 18.17 1.15 -26.24
N CYS C 95 17.64 2.38 -26.26
CA CYS C 95 17.80 3.27 -25.11
C CYS C 95 17.03 2.77 -23.90
N ASP C 96 15.77 2.36 -24.12
CA ASP C 96 14.97 1.83 -23.03
C ASP C 96 15.60 0.57 -22.44
N ALA C 97 16.11 -0.31 -23.29
CA ALA C 97 16.70 -1.56 -22.81
C ALA C 97 18.01 -1.33 -22.08
N ALA C 98 18.80 -0.35 -22.52
CA ALA C 98 20.10 -0.10 -21.90
C ALA C 98 19.98 0.62 -20.57
N ILE C 99 18.91 1.37 -20.35
CA ILE C 99 18.71 2.11 -19.11
C ILE C 99 17.95 1.25 -18.11
N ARG C 100 16.76 0.79 -18.52
CA ARG C 100 15.88 0.10 -17.57
C ARG C 100 16.44 -1.27 -17.20
N TYR C 101 16.85 -2.06 -18.20
CA TYR C 101 17.29 -3.42 -17.96
C TYR C 101 18.80 -3.60 -18.05
N SER C 102 19.54 -2.52 -18.29
CA SER C 102 21.01 -2.56 -18.34
C SER C 102 21.50 -3.57 -19.39
N ASP C 103 20.85 -3.58 -20.54
CA ASP C 103 21.18 -4.52 -21.60
C ASP C 103 22.57 -4.21 -22.15
N GLY C 104 23.45 -5.20 -22.11
CA GLY C 104 24.80 -5.00 -22.62
C GLY C 104 24.84 -4.87 -24.13
N THR C 105 24.05 -5.68 -24.84
CA THR C 105 24.04 -5.62 -26.29
C THR C 105 23.46 -4.31 -26.78
N ALA C 106 22.41 -3.81 -26.12
CA ALA C 106 21.83 -2.54 -26.51
C ALA C 106 22.81 -1.39 -26.31
N ALA C 107 23.63 -1.47 -25.25
CA ALA C 107 24.61 -0.41 -25.00
C ALA C 107 25.74 -0.46 -26.02
N ASN C 108 26.19 -1.65 -26.39
CA ASN C 108 27.24 -1.77 -27.40
C ASN C 108 26.76 -1.30 -28.76
N LEU C 109 25.47 -1.44 -29.05
CA LEU C 109 24.93 -0.89 -30.29
C LEU C 109 24.76 0.62 -30.22
N LEU C 110 24.42 1.15 -29.05
CA LEU C 110 24.30 2.60 -28.91
C LEU C 110 25.66 3.28 -29.05
N LEU C 111 26.72 2.65 -28.52
CA LEU C 111 28.07 3.15 -28.75
C LEU C 111 28.40 3.15 -30.24
N ALA C 112 28.02 2.09 -30.95
CA ALA C 112 28.23 2.04 -32.39
C ALA C 112 27.34 3.01 -33.15
N ASP C 113 26.20 3.39 -32.58
CA ASP C 113 25.36 4.39 -33.23
C ASP C 113 25.96 5.78 -33.10
N LEU C 114 26.57 6.08 -31.96
CA LEU C 114 27.34 7.32 -31.83
C LEU C 114 28.48 7.35 -32.85
N GLY C 115 28.99 6.18 -33.23
CA GLY C 115 30.00 6.09 -34.25
C GLY C 115 31.40 6.40 -33.73
N GLY C 116 32.38 6.14 -34.58
CA GLY C 116 33.76 6.45 -34.27
C GLY C 116 34.66 5.23 -34.19
N PRO C 117 35.87 5.44 -33.70
CA PRO C 117 36.83 4.33 -33.62
C PRO C 117 36.62 3.47 -32.38
N GLY C 118 36.97 2.19 -32.52
CA GLY C 118 36.86 1.25 -31.43
C GLY C 118 35.46 1.16 -30.85
N GLY C 119 34.47 1.01 -31.73
CA GLY C 119 33.09 0.92 -31.28
C GLY C 119 32.60 2.27 -30.81
N GLY C 120 33.42 3.28 -31.04
CA GLY C 120 33.07 4.64 -30.68
C GLY C 120 33.14 4.95 -29.21
N THR C 121 34.18 4.46 -28.52
CA THR C 121 34.35 4.79 -27.11
C THR C 121 34.95 6.18 -26.93
N ALA C 122 35.85 6.58 -27.82
CA ALA C 122 36.38 7.94 -27.78
C ALA C 122 35.29 8.95 -28.09
N ALA C 123 34.32 8.59 -28.91
CA ALA C 123 33.18 9.47 -29.15
C ALA C 123 32.35 9.66 -27.88
N PHE C 124 32.23 8.60 -27.08
CA PHE C 124 31.52 8.73 -25.81
C PHE C 124 32.26 9.68 -24.87
N THR C 125 33.55 9.42 -24.64
CA THR C 125 34.37 10.38 -23.92
C THR C 125 34.42 11.72 -24.65
N GLY C 126 34.29 11.71 -25.98
CA GLY C 126 34.14 12.93 -26.74
C GLY C 126 32.88 13.70 -26.44
N TYR C 127 31.99 13.14 -25.62
CA TYR C 127 30.82 13.84 -25.12
C TYR C 127 30.96 14.24 -23.65
N LEU C 128 31.89 13.63 -22.92
CA LEU C 128 32.02 13.89 -21.49
C LEU C 128 32.74 15.20 -21.21
N ARG C 129 33.86 15.45 -21.91
CA ARG C 129 34.56 16.72 -21.74
C ARG C 129 33.71 17.90 -22.18
N SER C 130 32.80 17.68 -23.15
CA SER C 130 31.89 18.73 -23.55
C SER C 130 30.96 19.12 -22.41
N LEU C 131 30.69 18.20 -21.49
CA LEU C 131 29.97 18.50 -20.27
C LEU C 131 30.90 18.93 -19.14
N GLY C 132 32.20 19.07 -19.42
CA GLY C 132 33.17 19.44 -18.41
C GLY C 132 33.89 18.29 -17.75
N ASP C 133 33.42 17.05 -17.94
CA ASP C 133 34.04 15.90 -17.30
C ASP C 133 35.39 15.63 -17.95
N THR C 134 36.46 15.94 -17.22
CA THR C 134 37.81 15.72 -17.70
C THR C 134 38.38 14.38 -17.26
N VAL C 135 37.94 13.88 -16.10
CA VAL C 135 38.56 12.70 -15.51
C VAL C 135 38.09 11.42 -16.19
N SER C 136 36.78 11.27 -16.38
CA SER C 136 36.22 10.00 -16.79
C SER C 136 36.68 9.62 -18.20
N ARG C 137 36.64 8.32 -18.49
CA ARG C 137 37.03 7.80 -19.77
C ARG C 137 36.40 6.42 -19.97
N LEU C 138 36.23 6.05 -21.24
CA LEU C 138 35.71 4.75 -21.61
C LEU C 138 36.50 4.24 -22.80
N ASP C 139 36.94 2.98 -22.73
CA ASP C 139 37.81 2.41 -23.76
C ASP C 139 37.32 1.09 -24.34
N ALA C 140 36.47 0.34 -23.64
CA ALA C 140 36.05 -0.98 -24.10
C ALA C 140 34.53 -1.05 -24.14
N GLU C 141 34.04 -2.18 -24.66
CA GLU C 141 32.62 -2.49 -24.70
C GLU C 141 32.33 -3.70 -23.83
N GLU C 142 31.04 -3.98 -23.66
CA GLU C 142 30.63 -5.08 -22.79
C GLU C 142 31.07 -6.41 -23.38
N PRO C 143 31.50 -7.37 -22.55
CA PRO C 143 31.56 -7.21 -21.09
C PRO C 143 32.94 -6.85 -20.58
N GLU C 144 33.73 -6.14 -21.39
CA GLU C 144 35.13 -5.93 -21.04
C GLU C 144 35.34 -4.75 -20.09
N LEU C 145 34.50 -3.71 -20.17
CA LEU C 145 34.71 -2.56 -19.30
C LEU C 145 34.49 -2.88 -17.83
N ASN C 146 33.73 -3.94 -17.54
CA ASN C 146 33.48 -4.33 -16.15
C ASN C 146 34.65 -5.09 -15.54
N ARG C 147 35.51 -5.70 -16.36
CA ARG C 147 36.56 -6.59 -15.89
C ARG C 147 37.95 -5.98 -16.05
N ASP C 148 38.08 -4.69 -15.79
CA ASP C 148 39.42 -4.11 -15.76
C ASP C 148 40.10 -4.41 -14.42
N PRO C 149 41.42 -4.57 -14.41
CA PRO C 149 42.10 -4.82 -13.15
C PRO C 149 42.12 -3.58 -12.29
N PRO C 150 42.22 -3.74 -10.97
CA PRO C 150 42.30 -2.55 -10.10
C PRO C 150 43.59 -1.78 -10.34
N GLY C 151 43.52 -0.47 -10.11
CA GLY C 151 44.61 0.43 -10.40
C GLY C 151 44.61 0.96 -11.82
N ASP C 152 44.12 0.16 -12.78
CA ASP C 152 43.98 0.63 -14.14
C ASP C 152 42.99 1.78 -14.20
N GLU C 153 43.24 2.70 -15.13
CA GLU C 153 42.39 3.88 -15.28
C GLU C 153 41.42 3.75 -16.46
N ARG C 154 41.48 2.66 -17.20
CA ARG C 154 40.58 2.48 -18.33
C ARG C 154 39.16 2.17 -17.86
N ASP C 155 38.19 2.80 -18.50
CA ASP C 155 36.76 2.59 -18.18
C ASP C 155 36.47 2.92 -16.72
N THR C 156 37.00 4.06 -16.26
CA THR C 156 36.80 4.50 -14.89
C THR C 156 36.26 5.93 -14.86
N THR C 157 35.56 6.23 -13.77
CA THR C 157 35.12 7.57 -13.42
C THR C 157 35.32 7.74 -11.91
N THR C 158 34.93 8.89 -11.40
CA THR C 158 34.99 9.16 -9.96
C THR C 158 33.62 9.59 -9.46
N PRO C 159 33.34 9.37 -8.18
CA PRO C 159 32.07 9.90 -7.62
C PRO C 159 31.92 11.39 -7.80
N HIS C 160 33.01 12.13 -7.93
CA HIS C 160 32.93 13.55 -8.27
C HIS C 160 32.72 13.78 -9.75
N ALA C 161 33.09 12.82 -10.61
CA ALA C 161 33.10 13.00 -12.06
C ALA C 161 31.76 12.70 -12.71
N ILE C 162 31.03 11.68 -12.26
CA ILE C 162 29.76 11.31 -12.89
C ILE C 162 28.55 11.93 -12.18
N ALA C 163 28.75 12.61 -11.05
CA ALA C 163 27.64 13.28 -10.38
C ALA C 163 27.21 14.52 -11.14
N LEU C 164 28.16 15.43 -11.40
CA LEU C 164 27.83 16.69 -12.07
C LEU C 164 27.32 16.46 -13.48
N VAL C 165 27.74 15.38 -14.14
CA VAL C 165 27.19 15.03 -15.44
C VAL C 165 25.74 14.60 -15.29
N LEU C 166 25.45 13.76 -14.29
CA LEU C 166 24.06 13.42 -14.00
C LEU C 166 23.28 14.64 -13.53
N GLN C 167 23.94 15.57 -12.85
CA GLN C 167 23.29 16.83 -12.50
C GLN C 167 22.99 17.66 -13.74
N GLN C 168 23.96 17.75 -14.66
CA GLN C 168 23.75 18.50 -15.89
C GLN C 168 22.70 17.84 -16.78
N LEU C 169 22.64 16.51 -16.77
CA LEU C 169 21.74 15.77 -17.66
C LEU C 169 20.32 15.66 -17.12
N VAL C 170 20.08 15.98 -15.85
CA VAL C 170 18.76 15.84 -15.27
C VAL C 170 18.30 17.18 -14.71
N LEU C 171 19.24 17.98 -14.20
CA LEU C 171 18.91 19.24 -13.56
C LEU C 171 19.45 20.49 -14.27
N GLY C 172 20.43 20.34 -15.15
CA GLY C 172 21.05 21.49 -15.79
C GLY C 172 20.38 21.93 -17.07
N ASN C 173 21.18 22.17 -18.12
CA ASN C 173 20.68 22.52 -19.45
C ASN C 173 21.42 21.74 -20.54
N ALA C 174 21.84 20.51 -20.25
CA ALA C 174 22.60 19.73 -21.21
C ALA C 174 21.72 19.23 -22.36
N LEU C 175 20.47 18.91 -22.09
CA LEU C 175 19.55 18.44 -23.11
C LEU C 175 18.33 19.34 -23.18
N PRO C 176 17.71 19.48 -24.36
CA PRO C 176 16.45 20.22 -24.45
C PRO C 176 15.34 19.49 -23.72
N PRO C 177 14.24 20.17 -23.42
CA PRO C 177 13.16 19.51 -22.66
C PRO C 177 12.57 18.31 -23.36
N ASP C 178 12.48 18.32 -24.70
CA ASP C 178 11.91 17.19 -25.42
C ASP C 178 12.72 15.92 -25.19
N LYS C 179 14.04 16.05 -25.16
CA LYS C 179 14.92 14.90 -24.93
C LYS C 179 15.18 14.65 -23.46
N ARG C 180 14.93 15.63 -22.59
CA ARG C 180 15.10 15.43 -21.16
C ARG C 180 14.01 14.54 -20.58
N ALA C 181 12.77 14.70 -21.06
CA ALA C 181 11.66 13.93 -20.51
C ALA C 181 11.86 12.44 -20.72
N LEU C 182 12.39 12.05 -21.88
CA LEU C 182 12.59 10.64 -22.16
C LEU C 182 13.68 10.05 -21.28
N LEU C 183 14.80 10.77 -21.11
CA LEU C 183 15.89 10.27 -20.30
C LEU C 183 15.47 10.09 -18.84
N THR C 184 14.72 11.04 -18.30
CA THR C 184 14.30 10.93 -16.90
C THR C 184 13.30 9.81 -16.71
N ASP C 185 12.37 9.63 -17.66
CA ASP C 185 11.37 8.57 -17.53
C ASP C 185 12.01 7.20 -17.55
N TRP C 186 13.04 7.01 -18.40
CA TRP C 186 13.70 5.71 -18.48
C TRP C 186 14.41 5.37 -17.18
N MET C 187 15.02 6.37 -16.53
CA MET C 187 15.72 6.14 -15.27
C MET C 187 14.77 5.99 -14.09
N ALA C 188 13.56 6.54 -14.17
CA ALA C 188 12.57 6.34 -13.12
C ALA C 188 11.96 4.94 -13.18
N ARG C 189 11.91 4.33 -14.36
CA ARG C 189 11.38 2.99 -14.54
C ARG C 189 12.48 1.94 -14.54
N ASN C 190 13.64 2.23 -13.96
CA ASN C 190 14.72 1.25 -13.88
C ASN C 190 14.29 0.07 -13.03
N THR C 191 14.75 -1.12 -13.42
CA THR C 191 14.35 -2.37 -12.78
C THR C 191 15.53 -3.16 -12.25
N THR C 192 16.68 -2.52 -12.05
CA THR C 192 17.89 -3.23 -11.62
C THR C 192 18.53 -2.61 -10.37
N GLY C 193 17.77 -1.83 -9.61
CA GLY C 193 18.36 -1.16 -8.46
C GLY C 193 17.43 -0.94 -7.29
N ALA C 194 16.52 -1.90 -7.04
CA ALA C 194 15.61 -1.79 -5.92
C ALA C 194 16.29 -2.04 -4.58
N LYS C 195 17.52 -2.55 -4.58
CA LYS C 195 18.22 -2.90 -3.34
C LYS C 195 19.46 -2.04 -3.12
N ARG C 196 19.52 -0.85 -3.72
CA ARG C 196 20.69 0.00 -3.63
C ARG C 196 20.23 1.35 -3.07
N ILE C 197 20.39 2.45 -3.83
CA ILE C 197 20.04 3.77 -3.32
C ILE C 197 18.54 3.87 -3.05
N ARG C 198 17.73 3.19 -3.87
CA ARG C 198 16.28 3.23 -3.67
C ARG C 198 15.89 2.61 -2.34
N ALA C 199 16.58 1.53 -1.94
CA ALA C 199 16.27 0.87 -0.68
C ALA C 199 16.84 1.60 0.53
N GLY C 200 17.63 2.65 0.33
CA GLY C 200 18.24 3.37 1.43
C GLY C 200 17.46 4.60 1.84
N PHE C 201 16.76 5.23 0.87
CA PHE C 201 15.96 6.41 1.10
C PHE C 201 14.54 6.02 1.50
N PRO C 202 13.85 6.87 2.26
CA PRO C 202 12.44 6.58 2.61
C PRO C 202 11.56 6.51 1.38
N ALA C 203 10.33 6.04 1.59
CA ALA C 203 9.42 5.78 0.48
C ALA C 203 8.94 7.07 -0.18
N ASP C 204 8.74 8.13 0.60
CA ASP C 204 8.24 9.39 0.06
C ASP C 204 9.30 10.17 -0.71
N TRP C 205 10.48 9.60 -0.92
CA TRP C 205 11.54 10.22 -1.72
C TRP C 205 11.53 9.59 -3.10
N LYS C 206 11.30 10.41 -4.13
CA LYS C 206 11.43 9.93 -5.50
C LYS C 206 12.89 9.60 -5.80
N VAL C 207 13.11 8.47 -6.48
CA VAL C 207 14.46 7.99 -6.75
C VAL C 207 14.52 7.47 -8.17
N ILE C 208 15.29 8.14 -9.03
CA ILE C 208 15.64 7.63 -10.35
C ILE C 208 17.12 7.29 -10.32
N ASP C 209 17.50 6.24 -11.04
CA ASP C 209 18.87 5.74 -10.92
C ASP C 209 19.23 4.86 -12.11
N LYS C 210 20.52 4.66 -12.29
CA LYS C 210 21.07 3.69 -13.24
C LYS C 210 22.24 2.98 -12.56
N THR C 211 22.10 1.68 -12.34
CA THR C 211 23.07 0.92 -11.56
C THR C 211 24.23 0.44 -12.43
N GLY C 212 25.23 -0.12 -11.75
CA GLY C 212 26.38 -0.70 -12.42
C GLY C 212 27.06 -1.74 -11.55
N THR C 213 27.25 -2.94 -12.10
CA THR C 213 27.85 -4.04 -11.36
C THR C 213 28.89 -4.73 -12.23
N GLY C 214 29.97 -5.18 -11.59
CA GLY C 214 31.03 -5.86 -12.31
C GLY C 214 31.82 -6.76 -11.39
N ASP C 215 32.95 -7.23 -11.90
CA ASP C 215 33.82 -8.12 -11.14
C ASP C 215 34.55 -7.32 -10.05
N TYR C 216 35.40 -8.02 -9.31
CA TYR C 216 36.15 -7.44 -8.19
C TYR C 216 35.21 -6.84 -7.14
N GLY C 217 34.00 -7.37 -7.03
CA GLY C 217 33.03 -6.83 -6.09
C GLY C 217 32.60 -5.42 -6.38
N ARG C 218 32.53 -5.04 -7.65
CA ARG C 218 32.18 -3.69 -8.04
C ARG C 218 30.67 -3.54 -8.11
N ALA C 219 30.15 -2.55 -7.38
CA ALA C 219 28.72 -2.26 -7.38
C ALA C 219 28.54 -0.75 -7.25
N ASN C 220 27.93 -0.14 -8.26
CA ASN C 220 27.72 1.30 -8.29
C ASN C 220 26.23 1.62 -8.43
N ASP C 221 25.89 2.87 -8.14
CA ASP C 221 24.54 3.38 -8.38
C ASP C 221 24.60 4.91 -8.34
N ILE C 222 24.34 5.54 -9.47
CA ILE C 222 24.17 6.99 -9.53
C ILE C 222 22.68 7.29 -9.57
N ALA C 223 22.25 8.28 -8.78
CA ALA C 223 20.83 8.52 -8.64
C ALA C 223 20.57 10.01 -8.46
N VAL C 224 19.38 10.42 -8.87
CA VAL C 224 18.84 11.75 -8.61
C VAL C 224 17.59 11.55 -7.77
N VAL C 225 17.65 12.00 -6.51
CA VAL C 225 16.54 11.81 -5.58
C VAL C 225 15.85 13.14 -5.36
N TRP C 226 14.59 13.07 -4.89
CA TRP C 226 13.79 14.24 -4.60
C TRP C 226 13.25 14.13 -3.18
N SER C 227 13.41 15.20 -2.40
CA SER C 227 12.86 15.24 -1.06
C SER C 227 11.34 15.25 -1.11
N PRO C 228 10.67 14.90 -0.01
CA PRO C 228 9.20 14.95 0.01
C PRO C 228 8.64 16.34 -0.31
N THR C 229 9.43 17.39 -0.16
CA THR C 229 8.99 18.74 -0.49
C THR C 229 9.32 19.14 -1.93
N GLY C 230 10.09 18.32 -2.65
CA GLY C 230 10.41 18.58 -4.04
C GLY C 230 11.82 19.07 -4.30
N VAL C 231 12.72 19.01 -3.33
CA VAL C 231 14.09 19.46 -3.51
C VAL C 231 14.91 18.36 -4.16
N PRO C 232 15.55 18.61 -5.30
CA PRO C 232 16.33 17.57 -5.97
C PRO C 232 17.77 17.49 -5.45
N TYR C 233 18.29 16.27 -5.44
CA TYR C 233 19.66 16.00 -5.03
C TYR C 233 20.25 14.95 -5.94
N VAL C 234 21.56 15.05 -6.18
CA VAL C 234 22.30 14.07 -6.97
C VAL C 234 23.16 13.26 -6.00
N VAL C 235 22.97 11.95 -6.01
CA VAL C 235 23.71 11.03 -5.14
C VAL C 235 24.44 10.03 -6.03
N ALA C 236 25.74 9.88 -5.79
CA ALA C 236 26.58 8.95 -6.55
C ALA C 236 27.33 8.06 -5.57
N VAL C 237 26.99 6.78 -5.55
CA VAL C 237 27.62 5.81 -4.66
C VAL C 237 28.26 4.73 -5.52
N MET C 238 29.58 4.66 -5.48
CA MET C 238 30.34 3.61 -6.14
C MET C 238 31.18 2.87 -5.12
N SER C 239 31.44 1.59 -5.39
CA SER C 239 32.20 0.77 -4.44
C SER C 239 32.75 -0.46 -5.15
N ASP C 240 33.91 -0.92 -4.66
CA ASP C 240 34.50 -2.17 -5.11
C ASP C 240 35.05 -2.91 -3.89
N ARG C 241 35.46 -4.16 -4.14
CA ARG C 241 36.09 -4.99 -3.11
C ARG C 241 37.37 -5.61 -3.68
N ALA C 242 38.31 -4.74 -4.06
CA ALA C 242 39.54 -5.10 -4.75
C ALA C 242 40.51 -5.90 -3.89
N GLY C 243 40.12 -6.43 -2.73
CA GLY C 243 41.02 -7.25 -1.93
C GLY C 243 40.58 -8.69 -1.85
N GLY C 244 39.45 -9.02 -2.46
CA GLY C 244 38.90 -10.36 -2.43
C GLY C 244 39.04 -11.16 -3.70
N GLY C 245 39.74 -10.63 -4.70
CA GLY C 245 39.96 -11.36 -5.94
C GLY C 245 39.07 -10.87 -7.07
N TYR C 246 39.25 -11.52 -8.22
CA TYR C 246 38.47 -11.17 -9.40
C TYR C 246 37.00 -11.55 -9.22
N ASP C 247 36.71 -12.58 -8.44
CA ASP C 247 35.35 -13.07 -8.24
C ASP C 247 34.81 -12.71 -6.86
N ALA C 248 35.21 -11.55 -6.34
CA ALA C 248 34.67 -11.10 -5.05
C ALA C 248 33.20 -10.73 -5.19
N GLU C 249 32.42 -11.07 -4.17
CA GLU C 249 30.99 -10.84 -4.23
C GLU C 249 30.68 -9.36 -3.98
N PRO C 250 29.91 -8.72 -4.87
CA PRO C 250 29.52 -7.32 -4.60
C PRO C 250 28.44 -7.26 -3.53
N ARG C 251 28.56 -6.27 -2.66
CA ARG C 251 27.68 -6.12 -1.50
C ARG C 251 26.73 -4.96 -1.75
N GLU C 252 25.49 -5.28 -2.17
CA GLU C 252 24.49 -4.25 -2.37
C GLU C 252 24.09 -3.59 -1.05
N ALA C 253 24.19 -4.31 0.06
CA ALA C 253 23.77 -3.77 1.35
C ALA C 253 24.58 -2.55 1.75
N LEU C 254 25.84 -2.48 1.31
CA LEU C 254 26.66 -1.30 1.59
C LEU C 254 26.11 -0.07 0.88
N LEU C 255 25.66 -0.23 -0.36
CA LEU C 255 25.11 0.90 -1.10
C LEU C 255 23.80 1.38 -0.48
N ALA C 256 22.97 0.45 -0.02
CA ALA C 256 21.72 0.84 0.63
C ALA C 256 21.97 1.48 1.98
N GLU C 257 22.99 1.03 2.71
CA GLU C 257 23.31 1.63 4.00
C GLU C 257 23.96 3.00 3.82
N ALA C 258 24.80 3.15 2.80
CA ALA C 258 25.42 4.45 2.54
C ALA C 258 24.37 5.48 2.10
N ALA C 259 23.42 5.06 1.28
CA ALA C 259 22.35 5.98 0.87
C ALA C 259 21.50 6.40 2.05
N THR C 260 21.27 5.51 3.01
CA THR C 260 20.58 5.90 4.23
C THR C 260 21.42 6.90 5.02
N CYS C 261 22.75 6.70 5.05
CA CYS C 261 23.63 7.68 5.68
C CYS C 261 23.67 9.00 4.93
N VAL C 262 23.27 9.02 3.67
CA VAL C 262 23.16 10.28 2.95
C VAL C 262 21.81 10.94 3.23
N ALA C 263 20.75 10.13 3.36
CA ALA C 263 19.42 10.65 3.61
C ALA C 263 19.27 11.32 4.97
N GLY C 264 20.22 11.12 5.89
CA GLY C 264 20.09 11.70 7.21
C GLY C 264 20.35 13.20 7.22
N VAL C 265 21.49 13.62 6.67
CA VAL C 265 21.80 15.04 6.66
C VAL C 265 20.87 15.79 5.71
N LEU C 266 20.44 15.15 4.63
CA LEU C 266 19.53 15.78 3.68
C LEU C 266 18.14 15.99 4.26
N ALA C 267 17.85 15.45 5.44
CA ALA C 267 16.56 15.67 6.09
C ALA C 267 16.71 16.64 7.26
N ASP D 3 -26.87 -16.29 -15.82
CA ASP D 3 -26.78 -15.31 -16.89
C ASP D 3 -25.54 -14.42 -16.74
N LEU D 4 -24.46 -15.00 -16.22
CA LEU D 4 -23.19 -14.30 -16.12
C LEU D 4 -22.42 -14.31 -17.43
N ALA D 5 -22.77 -15.21 -18.36
CA ALA D 5 -22.09 -15.26 -19.65
C ALA D 5 -22.36 -14.02 -20.48
N ASP D 6 -23.47 -13.31 -20.24
CA ASP D 6 -23.75 -12.10 -20.98
C ASP D 6 -22.78 -10.98 -20.61
N ARG D 7 -22.49 -10.82 -19.32
CA ARG D 7 -21.54 -9.79 -18.90
C ARG D 7 -20.13 -10.11 -19.37
N PHE D 8 -19.75 -11.40 -19.36
CA PHE D 8 -18.44 -11.79 -19.87
C PHE D 8 -18.35 -11.54 -21.38
N ALA D 9 -19.43 -11.81 -22.11
CA ALA D 9 -19.43 -11.56 -23.54
C ALA D 9 -19.41 -10.07 -23.85
N GLU D 10 -19.96 -9.24 -22.96
CA GLU D 10 -19.88 -7.79 -23.16
C GLU D 10 -18.46 -7.28 -22.91
N LEU D 11 -17.74 -7.88 -21.97
CA LEU D 11 -16.36 -7.47 -21.73
C LEU D 11 -15.46 -7.83 -22.90
N GLU D 12 -15.73 -8.94 -23.57
CA GLU D 12 -14.96 -9.29 -24.76
C GLU D 12 -15.14 -8.24 -25.84
N ARG D 13 -16.37 -7.78 -26.05
CA ARG D 13 -16.63 -6.75 -27.05
C ARG D 13 -15.98 -5.43 -26.65
N ARG D 14 -15.96 -5.12 -25.35
CA ARG D 14 -15.41 -3.85 -24.89
C ARG D 14 -13.90 -3.80 -25.05
N TYR D 15 -13.21 -4.92 -24.87
CA TYR D 15 -11.75 -4.95 -24.84
C TYR D 15 -11.13 -5.57 -26.09
N ASP D 16 -11.94 -6.07 -27.02
CA ASP D 16 -11.45 -6.74 -28.22
C ASP D 16 -10.52 -7.89 -27.84
N ALA D 17 -11.04 -8.79 -27.01
CA ALA D 17 -10.26 -9.90 -26.46
C ALA D 17 -11.14 -11.12 -26.35
N ARG D 18 -10.49 -12.27 -26.14
CA ARG D 18 -11.18 -13.54 -25.90
C ARG D 18 -10.95 -13.88 -24.44
N LEU D 19 -12.03 -13.89 -23.66
CA LEU D 19 -11.94 -14.08 -22.21
C LEU D 19 -12.27 -15.52 -21.85
N GLY D 20 -11.44 -16.13 -21.02
CA GLY D 20 -11.69 -17.46 -20.50
C GLY D 20 -11.68 -17.48 -18.99
N VAL D 21 -12.75 -17.99 -18.38
CA VAL D 21 -12.92 -17.96 -16.93
C VAL D 21 -13.44 -19.31 -16.44
N TYR D 22 -12.83 -19.82 -15.37
CA TYR D 22 -13.34 -21.00 -14.70
C TYR D 22 -13.17 -20.87 -13.20
N VAL D 23 -14.18 -21.28 -12.45
CA VAL D 23 -14.14 -21.31 -11.00
C VAL D 23 -14.67 -22.67 -10.54
N PRO D 24 -13.84 -23.52 -9.94
CA PRO D 24 -14.32 -24.83 -9.48
C PRO D 24 -15.48 -24.71 -8.51
N ALA D 25 -16.29 -25.76 -8.45
CA ALA D 25 -17.51 -25.74 -7.65
C ALA D 25 -17.22 -25.98 -6.18
N THR D 26 -18.08 -25.43 -5.34
CA THR D 26 -18.05 -25.61 -3.89
C THR D 26 -19.35 -26.27 -3.47
N GLY D 27 -19.40 -26.74 -2.22
CA GLY D 27 -20.61 -27.34 -1.70
C GLY D 27 -21.80 -26.40 -1.64
N THR D 28 -21.56 -25.09 -1.73
CA THR D 28 -22.61 -24.10 -1.68
C THR D 28 -22.87 -23.38 -2.99
N THR D 29 -21.89 -23.34 -3.90
CA THR D 29 -22.01 -22.60 -5.14
C THR D 29 -21.68 -23.50 -6.33
N ALA D 30 -22.23 -23.14 -7.49
CA ALA D 30 -21.97 -23.87 -8.72
C ALA D 30 -20.76 -23.31 -9.44
N ALA D 31 -20.21 -24.10 -10.36
CA ALA D 31 -19.02 -23.70 -11.09
C ALA D 31 -19.33 -22.63 -12.11
N ILE D 32 -18.46 -21.62 -12.19
CA ILE D 32 -18.57 -20.54 -13.16
C ILE D 32 -17.69 -20.89 -14.35
N GLU D 33 -18.27 -20.91 -15.54
CA GLU D 33 -17.57 -21.35 -16.75
C GLU D 33 -17.83 -20.36 -17.87
N TYR D 34 -16.76 -19.82 -18.44
CA TYR D 34 -16.82 -19.05 -19.69
C TYR D 34 -15.59 -19.42 -20.50
N ARG D 35 -15.80 -20.11 -21.62
CA ARG D 35 -14.70 -20.65 -22.43
C ARG D 35 -13.76 -21.48 -21.56
N ALA D 36 -14.33 -22.23 -20.63
CA ALA D 36 -13.54 -22.98 -19.66
C ALA D 36 -12.72 -24.08 -20.32
N ASP D 37 -13.26 -24.71 -21.36
CA ASP D 37 -12.59 -25.80 -22.05
C ASP D 37 -11.90 -25.33 -23.34
N GLU D 38 -11.72 -24.03 -23.51
CA GLU D 38 -10.95 -23.48 -24.62
C GLU D 38 -9.49 -23.37 -24.22
N ARG D 39 -8.61 -23.42 -25.22
CA ARG D 39 -7.17 -23.42 -24.98
C ARG D 39 -6.63 -22.00 -25.05
N PHE D 40 -6.03 -21.55 -23.95
CA PHE D 40 -5.26 -20.31 -23.91
C PHE D 40 -3.81 -20.64 -23.58
N ALA D 41 -2.92 -19.71 -23.88
CA ALA D 41 -1.49 -19.94 -23.68
C ALA D 41 -1.15 -19.97 -22.20
N PHE D 42 -0.20 -20.85 -21.85
CA PHE D 42 0.23 -20.97 -20.46
C PHE D 42 0.78 -19.66 -19.93
N CYS D 43 1.73 -19.08 -20.66
CA CYS D 43 2.47 -17.88 -20.22
C CYS D 43 3.17 -18.24 -18.91
N SER D 44 3.28 -17.30 -17.96
CA SER D 44 3.98 -17.56 -16.72
C SER D 44 3.13 -18.31 -15.69
N THR D 45 1.88 -18.62 -16.00
CA THR D 45 1.04 -19.36 -15.06
C THR D 45 1.57 -20.76 -14.79
N PHE D 46 2.39 -21.30 -15.70
CA PHE D 46 3.00 -22.60 -15.47
C PHE D 46 4.05 -22.58 -14.37
N LYS D 47 4.46 -21.40 -13.91
CA LYS D 47 5.48 -21.32 -12.87
C LYS D 47 4.94 -21.74 -11.50
N ALA D 48 3.63 -21.74 -11.31
CA ALA D 48 3.07 -22.17 -10.03
C ALA D 48 3.07 -23.69 -9.91
N PRO D 49 2.58 -24.44 -10.90
CA PRO D 49 2.72 -25.90 -10.82
C PRO D 49 4.15 -26.38 -11.03
N LEU D 50 5.01 -25.58 -11.66
CA LEU D 50 6.40 -25.99 -11.82
C LEU D 50 7.13 -26.02 -10.48
N VAL D 51 6.90 -25.00 -9.64
CA VAL D 51 7.50 -25.00 -8.31
C VAL D 51 6.99 -26.18 -7.49
N ALA D 52 5.70 -26.50 -7.63
CA ALA D 52 5.15 -27.66 -6.93
C ALA D 52 5.80 -28.94 -7.43
N ALA D 53 6.09 -29.02 -8.73
CA ALA D 53 6.76 -30.20 -9.26
C ALA D 53 8.16 -30.35 -8.69
N VAL D 54 8.89 -29.25 -8.57
CA VAL D 54 10.22 -29.29 -7.97
C VAL D 54 10.11 -29.69 -6.50
N LEU D 55 9.14 -29.12 -5.78
CA LEU D 55 8.94 -29.46 -4.38
C LEU D 55 8.48 -30.91 -4.21
N HIS D 56 7.73 -31.43 -5.18
CA HIS D 56 7.13 -32.76 -5.01
C HIS D 56 8.17 -33.86 -5.15
N GLN D 57 9.10 -33.72 -6.09
CA GLN D 57 10.08 -34.76 -6.38
C GLN D 57 11.35 -34.63 -5.56
N ASN D 58 11.43 -33.65 -4.66
CA ASN D 58 12.66 -33.42 -3.90
C ASN D 58 12.35 -33.25 -2.43
N PRO D 59 13.22 -33.74 -1.55
CA PRO D 59 13.06 -33.46 -0.12
C PRO D 59 13.26 -31.98 0.16
N LEU D 60 12.84 -31.57 1.36
CA LEU D 60 12.93 -30.16 1.74
C LEU D 60 14.36 -29.65 1.77
N THR D 61 15.34 -30.54 1.94
CA THR D 61 16.74 -30.13 1.96
C THR D 61 17.26 -29.73 0.59
N HIS D 62 16.54 -30.06 -0.48
CA HIS D 62 16.99 -29.72 -1.84
C HIS D 62 16.90 -28.23 -2.12
N LEU D 63 16.13 -27.49 -1.34
CA LEU D 63 15.95 -26.06 -1.59
C LEU D 63 17.23 -25.26 -1.36
N ASP D 64 18.23 -25.84 -0.70
CA ASP D 64 19.49 -25.16 -0.40
C ASP D 64 20.59 -25.48 -1.40
N LYS D 65 20.31 -26.33 -2.40
CA LYS D 65 21.32 -26.66 -3.40
C LYS D 65 21.56 -25.46 -4.30
N LEU D 66 22.80 -24.96 -4.31
CA LEU D 66 23.15 -23.78 -5.09
C LEU D 66 23.27 -24.14 -6.57
N ILE D 67 22.73 -23.28 -7.42
CA ILE D 67 22.80 -23.45 -8.87
C ILE D 67 23.54 -22.24 -9.44
N THR D 68 24.57 -22.50 -10.24
CA THR D 68 25.32 -21.45 -10.90
C THR D 68 24.95 -21.41 -12.39
N TYR D 69 24.94 -20.20 -12.94
CA TYR D 69 24.59 -20.00 -14.34
C TYR D 69 25.47 -18.90 -14.92
N THR D 70 25.49 -18.82 -16.25
CA THR D 70 26.33 -17.89 -16.97
C THR D 70 25.50 -16.73 -17.51
N SER D 71 26.13 -15.87 -18.31
CA SER D 71 25.44 -14.72 -18.88
C SER D 71 24.50 -15.13 -20.01
N ASP D 72 24.84 -16.20 -20.74
CA ASP D 72 24.01 -16.64 -21.86
C ASP D 72 22.72 -17.31 -21.40
N ASP D 73 22.58 -17.59 -20.10
CA ASP D 73 21.35 -18.19 -19.61
C ASP D 73 20.22 -17.18 -19.49
N ILE D 74 20.55 -15.91 -19.22
CA ILE D 74 19.54 -14.86 -19.14
C ILE D 74 19.08 -14.50 -20.53
N ARG D 75 17.99 -15.13 -20.98
CA ARG D 75 17.43 -14.88 -22.30
C ARG D 75 16.13 -14.10 -22.26
N SER D 76 15.55 -13.89 -21.08
CA SER D 76 14.33 -13.11 -20.93
C SER D 76 14.47 -12.21 -19.71
N ILE D 77 13.41 -11.49 -19.39
CA ILE D 77 13.43 -10.58 -18.24
C ILE D 77 13.55 -11.41 -16.97
N SER D 78 14.68 -11.26 -16.27
CA SER D 78 14.94 -11.98 -15.02
C SER D 78 15.39 -10.95 -13.99
N PRO D 79 14.45 -10.24 -13.36
CA PRO D 79 14.84 -9.12 -12.47
C PRO D 79 15.64 -9.56 -11.25
N VAL D 80 15.69 -10.85 -10.94
CA VAL D 80 16.47 -11.36 -9.82
C VAL D 80 17.67 -12.17 -10.28
N ALA D 81 17.48 -13.03 -11.29
CA ALA D 81 18.60 -13.80 -11.82
C ALA D 81 19.66 -12.90 -12.44
N GLN D 82 19.25 -11.73 -12.93
CA GLN D 82 20.19 -10.76 -13.48
C GLN D 82 21.16 -10.25 -12.41
N GLN D 83 20.72 -10.21 -11.15
CA GLN D 83 21.48 -9.60 -10.07
C GLN D 83 22.24 -10.63 -9.24
N HIS D 84 22.39 -11.86 -9.72
CA HIS D 84 23.13 -12.89 -8.99
C HIS D 84 23.89 -13.81 -9.92
N VAL D 85 24.33 -13.30 -11.07
CA VAL D 85 25.07 -14.13 -12.02
C VAL D 85 26.40 -14.57 -11.42
N GLN D 86 27.02 -13.70 -10.63
CA GLN D 86 28.32 -14.03 -10.05
C GLN D 86 28.19 -14.86 -8.77
N THR D 87 27.10 -14.68 -8.02
CA THR D 87 26.96 -15.34 -6.74
C THR D 87 26.29 -16.71 -6.84
N GLY D 88 25.44 -16.91 -7.83
CA GLY D 88 24.66 -18.14 -7.91
C GLY D 88 23.36 -18.03 -7.15
N MET D 89 22.60 -19.12 -7.17
CA MET D 89 21.29 -19.16 -6.54
C MET D 89 20.92 -20.56 -6.12
N THR D 90 20.27 -20.67 -4.96
CA THR D 90 19.75 -21.93 -4.49
C THR D 90 18.39 -22.22 -5.14
N ILE D 91 17.90 -23.44 -4.90
CA ILE D 91 16.61 -23.82 -5.47
C ILE D 91 15.49 -22.96 -4.89
N GLY D 92 15.55 -22.67 -3.59
CA GLY D 92 14.53 -21.87 -2.96
C GLY D 92 14.48 -20.46 -3.51
N GLN D 93 15.64 -19.84 -3.73
CA GLN D 93 15.68 -18.51 -4.33
C GLN D 93 15.17 -18.55 -5.77
N LEU D 94 15.39 -19.65 -6.49
CA LEU D 94 14.82 -19.79 -7.82
C LEU D 94 13.31 -19.93 -7.76
N CYS D 95 12.80 -20.66 -6.76
CA CYS D 95 11.35 -20.77 -6.60
C CYS D 95 10.72 -19.45 -6.20
N ASP D 96 11.41 -18.68 -5.36
CA ASP D 96 10.89 -17.38 -4.93
C ASP D 96 10.85 -16.40 -6.08
N ALA D 97 11.92 -16.34 -6.88
CA ALA D 97 11.96 -15.38 -7.98
C ALA D 97 11.02 -15.79 -9.11
N ALA D 98 10.84 -17.09 -9.34
CA ALA D 98 9.97 -17.53 -10.42
C ALA D 98 8.50 -17.23 -10.13
N ILE D 99 8.11 -17.22 -8.86
CA ILE D 99 6.72 -16.99 -8.49
C ILE D 99 6.46 -15.51 -8.21
N ARG D 100 7.26 -14.90 -7.34
CA ARG D 100 6.95 -13.55 -6.89
C ARG D 100 7.28 -12.51 -7.96
N TYR D 101 8.38 -12.68 -8.68
CA TYR D 101 8.81 -11.73 -9.69
C TYR D 101 8.69 -12.26 -11.12
N SER D 102 8.15 -13.47 -11.29
CA SER D 102 8.00 -14.07 -12.62
C SER D 102 9.33 -14.10 -13.36
N ASP D 103 10.39 -14.44 -12.64
CA ASP D 103 11.74 -14.45 -13.21
C ASP D 103 11.83 -15.48 -14.32
N GLY D 104 12.25 -15.03 -15.51
CA GLY D 104 12.30 -15.92 -16.66
C GLY D 104 13.41 -16.95 -16.54
N THR D 105 14.59 -16.53 -16.10
CA THR D 105 15.70 -17.47 -15.97
C THR D 105 15.45 -18.48 -14.86
N ALA D 106 14.84 -18.03 -13.75
CA ALA D 106 14.57 -18.94 -12.65
C ALA D 106 13.68 -20.10 -13.08
N ALA D 107 12.70 -19.82 -13.94
CA ALA D 107 11.82 -20.88 -14.42
C ALA D 107 12.56 -21.87 -15.32
N ASN D 108 13.53 -21.37 -16.10
CA ASN D 108 14.28 -22.26 -16.98
C ASN D 108 15.24 -23.13 -16.19
N LEU D 109 15.83 -22.59 -15.11
CA LEU D 109 16.69 -23.41 -14.26
C LEU D 109 15.86 -24.41 -13.45
N LEU D 110 14.67 -24.00 -12.99
CA LEU D 110 13.79 -24.94 -12.30
C LEU D 110 13.35 -26.06 -13.24
N LEU D 111 13.09 -25.73 -14.51
CA LEU D 111 12.76 -26.76 -15.48
C LEU D 111 13.94 -27.70 -15.70
N ALA D 112 15.15 -27.14 -15.80
CA ALA D 112 16.34 -27.98 -15.94
C ALA D 112 16.58 -28.83 -14.70
N ASP D 113 16.20 -28.33 -13.52
CA ASP D 113 16.30 -29.13 -12.31
C ASP D 113 15.41 -30.36 -12.38
N LEU D 114 14.26 -30.24 -13.05
CA LEU D 114 13.40 -31.41 -13.24
C LEU D 114 14.07 -32.46 -14.11
N GLY D 115 14.96 -32.05 -15.00
CA GLY D 115 15.70 -32.98 -15.84
C GLY D 115 14.82 -33.61 -16.91
N GLY D 116 15.47 -34.47 -17.70
CA GLY D 116 14.78 -35.20 -18.74
C GLY D 116 14.87 -34.50 -20.09
N PRO D 117 14.13 -35.02 -21.07
CA PRO D 117 14.15 -34.43 -22.41
C PRO D 117 13.52 -33.04 -22.42
N GLY D 118 13.91 -32.25 -23.42
CA GLY D 118 13.38 -30.92 -23.58
C GLY D 118 13.77 -29.96 -22.49
N GLY D 119 14.82 -30.26 -21.72
CA GLY D 119 15.20 -29.39 -20.63
C GLY D 119 14.24 -29.39 -19.46
N GLY D 120 13.41 -30.43 -19.33
CA GLY D 120 12.47 -30.52 -18.25
C GLY D 120 11.02 -30.24 -18.63
N THR D 121 10.75 -29.87 -19.87
CA THR D 121 9.38 -29.59 -20.28
C THR D 121 8.53 -30.86 -20.26
N ALA D 122 9.06 -31.95 -20.81
CA ALA D 122 8.31 -33.21 -20.81
C ALA D 122 8.12 -33.76 -19.41
N ALA D 123 9.05 -33.45 -18.50
CA ALA D 123 8.89 -33.89 -17.11
C ALA D 123 7.83 -33.07 -16.39
N PHE D 124 7.75 -31.77 -16.69
CA PHE D 124 6.72 -30.94 -16.07
C PHE D 124 5.33 -31.36 -16.53
N THR D 125 5.17 -31.64 -17.82
CA THR D 125 3.89 -32.10 -18.32
C THR D 125 3.50 -33.44 -17.69
N GLY D 126 4.48 -34.31 -17.42
CA GLY D 126 4.19 -35.55 -16.72
C GLY D 126 3.68 -35.32 -15.31
N TYR D 127 4.16 -34.27 -14.64
CA TYR D 127 3.64 -33.95 -13.31
C TYR D 127 2.20 -33.48 -13.37
N LEU D 128 1.80 -32.84 -14.46
CA LEU D 128 0.40 -32.45 -14.62
C LEU D 128 -0.47 -33.66 -14.91
N ARG D 129 0.02 -34.60 -15.72
CA ARG D 129 -0.75 -35.81 -16.00
C ARG D 129 -0.99 -36.61 -14.74
N SER D 130 0.00 -36.66 -13.84
CA SER D 130 -0.19 -37.36 -12.57
C SER D 130 -1.23 -36.68 -11.70
N LEU D 131 -1.44 -35.38 -11.88
CA LEU D 131 -2.46 -34.63 -11.16
C LEU D 131 -3.81 -34.67 -11.86
N GLY D 132 -3.98 -35.54 -12.85
CA GLY D 132 -5.22 -35.63 -13.59
C GLY D 132 -5.34 -34.71 -14.77
N ASP D 133 -4.45 -33.73 -14.91
CA ASP D 133 -4.49 -32.81 -16.03
C ASP D 133 -4.24 -33.57 -17.33
N THR D 134 -5.21 -33.52 -18.24
CA THR D 134 -5.16 -34.32 -19.45
C THR D 134 -5.07 -33.49 -20.73
N VAL D 135 -4.99 -32.17 -20.63
CA VAL D 135 -5.03 -31.33 -21.82
C VAL D 135 -3.84 -30.39 -21.89
N SER D 136 -3.33 -29.97 -20.74
CA SER D 136 -2.24 -29.01 -20.72
C SER D 136 -0.95 -29.63 -21.23
N ARG D 137 -0.06 -28.79 -21.75
CA ARG D 137 1.21 -29.25 -22.28
C ARG D 137 2.19 -28.08 -22.31
N LEU D 138 3.45 -28.37 -22.04
CA LEU D 138 4.53 -27.39 -22.13
C LEU D 138 5.60 -27.94 -23.06
N ASP D 139 5.86 -27.23 -24.16
CA ASP D 139 6.75 -27.71 -25.20
C ASP D 139 8.01 -26.88 -25.39
N ALA D 140 8.10 -25.70 -24.78
CA ALA D 140 9.27 -24.84 -24.94
C ALA D 140 9.58 -24.17 -23.62
N GLU D 141 10.68 -23.41 -23.60
CA GLU D 141 11.09 -22.65 -22.43
C GLU D 141 10.78 -21.17 -22.63
N GLU D 142 11.13 -20.37 -21.65
CA GLU D 142 10.98 -18.92 -21.77
C GLU D 142 12.12 -18.35 -22.62
N PRO D 143 11.84 -17.36 -23.48
CA PRO D 143 10.52 -16.76 -23.68
C PRO D 143 9.78 -17.31 -24.89
N GLU D 144 10.17 -18.50 -25.35
CA GLU D 144 9.58 -19.06 -26.56
C GLU D 144 8.12 -19.47 -26.34
N LEU D 145 7.80 -19.98 -25.15
CA LEU D 145 6.44 -20.44 -24.90
C LEU D 145 5.42 -19.30 -24.86
N ASN D 146 5.88 -18.06 -24.75
CA ASN D 146 4.96 -16.93 -24.67
C ASN D 146 4.50 -16.45 -26.04
N ARG D 147 5.26 -16.73 -27.10
CA ARG D 147 4.99 -16.18 -28.42
C ARG D 147 4.53 -17.23 -29.42
N ASP D 148 3.85 -18.27 -28.95
CA ASP D 148 3.28 -19.24 -29.87
C ASP D 148 2.17 -18.57 -30.70
N PRO D 149 2.06 -18.90 -31.98
CA PRO D 149 1.02 -18.29 -32.81
C PRO D 149 -0.36 -18.75 -32.37
N PRO D 150 -1.40 -17.98 -32.69
CA PRO D 150 -2.77 -18.42 -32.35
C PRO D 150 -3.12 -19.71 -33.07
N GLY D 151 -3.97 -20.52 -32.42
CA GLY D 151 -4.32 -21.83 -32.92
C GLY D 151 -3.32 -22.91 -32.61
N ASP D 152 -2.06 -22.56 -32.36
CA ASP D 152 -1.05 -23.54 -31.97
C ASP D 152 -1.36 -24.05 -30.56
N GLU D 153 -1.57 -25.36 -30.44
CA GLU D 153 -1.88 -25.96 -29.15
C GLU D 153 -0.64 -26.16 -28.27
N ARG D 154 0.52 -25.70 -28.72
CA ARG D 154 1.74 -25.85 -27.94
C ARG D 154 1.80 -24.82 -26.82
N ASP D 155 2.19 -25.28 -25.62
CA ASP D 155 2.33 -24.43 -24.44
C ASP D 155 1.00 -23.77 -24.07
N THR D 156 -0.09 -24.52 -24.21
CA THR D 156 -1.42 -24.03 -23.90
C THR D 156 -2.08 -24.89 -22.83
N THR D 157 -3.01 -24.30 -22.10
CA THR D 157 -3.83 -25.00 -21.12
C THR D 157 -5.27 -24.51 -21.29
N THR D 158 -6.14 -24.96 -20.40
CA THR D 158 -7.52 -24.46 -20.36
C THR D 158 -7.80 -23.88 -18.97
N PRO D 159 -8.67 -22.87 -18.89
CA PRO D 159 -9.06 -22.36 -17.57
C PRO D 159 -9.65 -23.42 -16.67
N HIS D 160 -10.32 -24.43 -17.26
CA HIS D 160 -10.87 -25.52 -16.46
C HIS D 160 -9.76 -26.41 -15.92
N ALA D 161 -8.69 -26.61 -16.71
CA ALA D 161 -7.63 -27.52 -16.31
C ALA D 161 -6.70 -26.89 -15.29
N ILE D 162 -6.26 -25.66 -15.54
CA ILE D 162 -5.30 -25.02 -14.64
C ILE D 162 -5.95 -24.69 -13.30
N ALA D 163 -7.26 -24.48 -13.27
CA ALA D 163 -7.93 -24.21 -12.01
C ALA D 163 -7.97 -25.44 -11.13
N LEU D 164 -8.19 -26.62 -11.73
CA LEU D 164 -8.19 -27.85 -10.94
C LEU D 164 -6.81 -28.18 -10.42
N VAL D 165 -5.78 -27.94 -11.22
CA VAL D 165 -4.40 -28.16 -10.76
C VAL D 165 -4.08 -27.25 -9.59
N LEU D 166 -4.43 -25.96 -9.72
CA LEU D 166 -4.20 -25.03 -8.63
C LEU D 166 -5.01 -25.39 -7.39
N GLN D 167 -6.15 -26.05 -7.58
CA GLN D 167 -6.97 -26.42 -6.43
C GLN D 167 -6.31 -27.52 -5.60
N GLN D 168 -5.69 -28.51 -6.27
CA GLN D 168 -5.04 -29.60 -5.56
C GLN D 168 -3.73 -29.18 -4.92
N LEU D 169 -3.04 -28.20 -5.50
CA LEU D 169 -1.75 -27.78 -4.95
C LEU D 169 -1.94 -26.96 -3.68
N VAL D 170 -2.93 -26.08 -3.66
CA VAL D 170 -3.17 -25.18 -2.53
C VAL D 170 -4.21 -25.75 -1.58
N LEU D 171 -5.37 -26.13 -2.10
CA LEU D 171 -6.47 -26.60 -1.26
C LEU D 171 -6.52 -28.12 -1.11
N GLY D 172 -5.85 -28.86 -2.00
CA GLY D 172 -5.87 -30.30 -1.97
C GLY D 172 -4.72 -30.89 -1.19
N ASN D 173 -4.46 -32.18 -1.45
CA ASN D 173 -3.41 -32.92 -0.77
C ASN D 173 -2.31 -33.36 -1.74
N ALA D 174 -2.10 -32.61 -2.81
CA ALA D 174 -1.03 -32.94 -3.75
C ALA D 174 0.34 -32.76 -3.11
N LEU D 175 0.44 -31.89 -2.12
CA LEU D 175 1.67 -31.64 -1.40
C LEU D 175 1.46 -31.84 0.10
N PRO D 176 2.49 -32.22 0.84
CA PRO D 176 2.39 -32.27 2.29
C PRO D 176 2.26 -30.86 2.86
N PRO D 177 1.77 -30.72 4.10
CA PRO D 177 1.54 -29.37 4.64
C PRO D 177 2.77 -28.50 4.69
N ASP D 178 3.96 -29.08 4.86
CA ASP D 178 5.18 -28.26 4.94
C ASP D 178 5.54 -27.67 3.58
N LYS D 179 5.47 -28.49 2.53
CA LYS D 179 5.80 -27.98 1.20
C LYS D 179 4.67 -27.10 0.65
N ARG D 180 3.42 -27.47 0.92
CA ARG D 180 2.30 -26.66 0.45
C ARG D 180 2.30 -25.28 1.06
N ALA D 181 2.75 -25.14 2.31
CA ALA D 181 2.83 -23.83 2.94
C ALA D 181 3.89 -22.95 2.29
N LEU D 182 4.90 -23.54 1.64
CA LEU D 182 5.91 -22.74 0.96
C LEU D 182 5.35 -22.11 -0.31
N LEU D 183 4.61 -22.90 -1.11
CA LEU D 183 4.02 -22.36 -2.33
C LEU D 183 2.98 -21.30 -2.01
N THR D 184 2.11 -21.57 -1.03
CA THR D 184 1.05 -20.62 -0.68
C THR D 184 1.63 -19.27 -0.25
N ASP D 185 2.72 -19.30 0.51
CA ASP D 185 3.34 -18.04 0.93
C ASP D 185 3.97 -17.31 -0.25
N TRP D 186 4.57 -18.05 -1.18
CA TRP D 186 5.18 -17.42 -2.35
C TRP D 186 4.13 -16.74 -3.21
N MET D 187 3.01 -17.41 -3.46
CA MET D 187 1.94 -16.79 -4.25
C MET D 187 1.26 -15.66 -3.48
N ALA D 188 1.17 -15.78 -2.15
CA ALA D 188 0.55 -14.72 -1.35
C ALA D 188 1.34 -13.42 -1.41
N ARG D 189 2.64 -13.48 -1.70
CA ARG D 189 3.48 -12.30 -1.77
C ARG D 189 3.91 -11.98 -3.21
N ASN D 190 3.08 -12.35 -4.17
CA ASN D 190 3.35 -12.02 -5.57
C ASN D 190 3.25 -10.51 -5.77
N THR D 191 4.15 -9.98 -6.61
CA THR D 191 4.25 -8.54 -6.81
C THR D 191 3.94 -8.11 -8.23
N THR D 192 3.30 -8.98 -9.02
CA THR D 192 3.01 -8.69 -10.42
C THR D 192 1.53 -8.77 -10.76
N GLY D 193 0.65 -8.83 -9.77
CA GLY D 193 -0.77 -8.98 -10.04
C GLY D 193 -1.66 -8.02 -9.30
N ALA D 194 -1.15 -6.82 -9.01
CA ALA D 194 -1.93 -5.84 -8.28
C ALA D 194 -3.07 -5.27 -9.11
N LYS D 195 -3.02 -5.39 -10.43
CA LYS D 195 -4.01 -4.78 -11.31
C LYS D 195 -4.87 -5.82 -12.03
N ARG D 196 -4.86 -7.07 -11.56
CA ARG D 196 -5.59 -8.15 -12.23
C ARG D 196 -6.67 -8.64 -11.27
N ILE D 197 -6.61 -9.91 -10.84
CA ILE D 197 -7.66 -10.45 -9.98
C ILE D 197 -7.69 -9.73 -8.64
N ARG D 198 -6.53 -9.29 -8.15
CA ARG D 198 -6.50 -8.58 -6.87
C ARG D 198 -7.31 -7.30 -6.94
N ALA D 199 -7.25 -6.59 -8.06
CA ALA D 199 -7.98 -5.33 -8.20
C ALA D 199 -9.48 -5.52 -8.40
N GLY D 200 -9.92 -6.73 -8.76
CA GLY D 200 -11.33 -6.97 -8.97
C GLY D 200 -12.07 -7.39 -7.72
N PHE D 201 -11.32 -7.90 -6.74
CA PHE D 201 -11.88 -8.36 -5.48
C PHE D 201 -11.67 -7.32 -4.39
N PRO D 202 -12.61 -7.20 -3.45
CA PRO D 202 -12.45 -6.22 -2.37
C PRO D 202 -11.25 -6.52 -1.50
N ALA D 203 -10.89 -5.55 -0.67
CA ALA D 203 -9.67 -5.66 0.13
C ALA D 203 -9.77 -6.72 1.21
N ASP D 204 -10.97 -6.90 1.80
CA ASP D 204 -11.13 -7.91 2.84
C ASP D 204 -11.08 -9.33 2.32
N TRP D 205 -10.99 -9.51 1.00
CA TRP D 205 -10.79 -10.83 0.41
C TRP D 205 -9.30 -11.09 0.25
N LYS D 206 -8.84 -12.25 0.72
CA LYS D 206 -7.46 -12.64 0.53
C LYS D 206 -7.26 -13.19 -0.88
N VAL D 207 -6.15 -12.78 -1.51
CA VAL D 207 -5.88 -13.17 -2.89
C VAL D 207 -4.41 -13.56 -3.01
N ILE D 208 -4.16 -14.82 -3.35
CA ILE D 208 -2.85 -15.28 -3.79
C ILE D 208 -2.99 -15.63 -5.27
N ASP D 209 -1.93 -15.36 -6.05
CA ASP D 209 -2.08 -15.49 -7.50
C ASP D 209 -0.71 -15.63 -8.14
N LYS D 210 -0.73 -16.02 -9.42
CA LYS D 210 0.44 -16.05 -10.28
C LYS D 210 0.01 -15.58 -11.66
N THR D 211 0.60 -14.48 -12.13
CA THR D 211 0.17 -13.88 -13.38
C THR D 211 0.89 -14.52 -14.57
N GLY D 212 0.52 -14.09 -15.77
CA GLY D 212 1.14 -14.55 -16.98
C GLY D 212 0.84 -13.62 -18.14
N THR D 213 1.89 -13.15 -18.82
CA THR D 213 1.75 -12.25 -19.96
C THR D 213 2.61 -12.76 -21.11
N GLY D 214 2.09 -12.60 -22.33
CA GLY D 214 2.82 -12.99 -23.51
C GLY D 214 2.44 -12.14 -24.69
N ASP D 215 2.94 -12.49 -25.87
CA ASP D 215 2.59 -11.75 -27.08
C ASP D 215 1.14 -12.05 -27.46
N TYR D 216 0.70 -11.42 -28.56
CA TYR D 216 -0.69 -11.54 -29.03
C TYR D 216 -1.68 -11.09 -27.96
N GLY D 217 -1.29 -10.11 -27.15
CA GLY D 217 -2.18 -9.56 -26.14
C GLY D 217 -2.59 -10.53 -25.06
N ARG D 218 -1.77 -11.55 -24.79
CA ARG D 218 -2.10 -12.54 -23.79
C ARG D 218 -1.93 -12.00 -22.38
N ALA D 219 -2.88 -12.31 -21.51
CA ALA D 219 -2.82 -11.87 -20.12
C ALA D 219 -3.72 -12.78 -19.30
N ASN D 220 -3.11 -13.65 -18.49
CA ASN D 220 -3.83 -14.57 -17.63
C ASN D 220 -3.48 -14.30 -16.17
N ASP D 221 -4.26 -14.92 -15.27
CA ASP D 221 -4.01 -14.82 -13.84
C ASP D 221 -4.80 -15.91 -13.15
N ILE D 222 -4.11 -16.87 -12.55
CA ILE D 222 -4.73 -17.94 -11.77
C ILE D 222 -4.56 -17.61 -10.29
N ALA D 223 -5.64 -17.78 -9.52
CA ALA D 223 -5.63 -17.28 -8.15
C ALA D 223 -6.51 -18.16 -7.27
N VAL D 224 -6.23 -18.09 -5.96
CA VAL D 224 -7.07 -18.67 -4.92
C VAL D 224 -7.52 -17.55 -4.01
N VAL D 225 -8.83 -17.39 -3.86
CA VAL D 225 -9.39 -16.29 -3.10
C VAL D 225 -10.08 -16.83 -1.85
N TRP D 226 -10.06 -16.02 -0.79
CA TRP D 226 -10.70 -16.35 0.48
C TRP D 226 -11.68 -15.24 0.83
N SER D 227 -12.97 -15.61 0.96
CA SER D 227 -13.97 -14.65 1.40
C SER D 227 -13.67 -14.18 2.82
N PRO D 228 -14.20 -13.02 3.21
CA PRO D 228 -13.96 -12.54 4.58
C PRO D 228 -14.34 -13.53 5.66
N THR D 229 -15.32 -14.41 5.39
CA THR D 229 -15.67 -15.46 6.34
C THR D 229 -14.67 -16.61 6.34
N GLY D 230 -13.88 -16.76 5.27
CA GLY D 230 -12.86 -17.78 5.20
C GLY D 230 -13.07 -18.88 4.19
N VAL D 231 -14.08 -18.78 3.33
CA VAL D 231 -14.35 -19.83 2.35
C VAL D 231 -13.36 -19.68 1.19
N PRO D 232 -12.67 -20.74 0.78
CA PRO D 232 -11.69 -20.63 -0.31
C PRO D 232 -12.28 -20.96 -1.67
N TYR D 233 -12.03 -20.09 -2.65
CA TYR D 233 -12.43 -20.32 -4.04
C TYR D 233 -11.21 -20.20 -4.93
N VAL D 234 -11.21 -20.98 -6.01
CA VAL D 234 -10.17 -20.92 -7.03
C VAL D 234 -10.73 -20.20 -8.24
N VAL D 235 -9.99 -19.22 -8.76
CA VAL D 235 -10.42 -18.42 -9.90
C VAL D 235 -9.33 -18.47 -10.96
N ALA D 236 -9.70 -18.88 -12.17
CA ALA D 236 -8.79 -18.96 -13.30
C ALA D 236 -9.29 -18.02 -14.38
N VAL D 237 -8.54 -16.94 -14.63
CA VAL D 237 -8.89 -15.95 -15.65
C VAL D 237 -7.75 -15.87 -16.64
N MET D 238 -8.04 -16.19 -17.90
CA MET D 238 -7.06 -16.12 -18.97
C MET D 238 -7.70 -15.39 -20.15
N SER D 239 -6.85 -14.76 -20.97
CA SER D 239 -7.34 -13.99 -22.10
C SER D 239 -6.21 -13.74 -23.09
N ASP D 240 -6.60 -13.52 -24.35
CA ASP D 240 -5.67 -13.12 -25.38
C ASP D 240 -6.35 -12.11 -26.30
N ARG D 241 -5.57 -11.52 -27.19
CA ARG D 241 -6.07 -10.63 -28.23
C ARG D 241 -5.38 -10.95 -29.56
N ALA D 242 -5.42 -12.23 -29.93
CA ALA D 242 -4.69 -12.71 -31.10
C ALA D 242 -5.13 -12.04 -32.40
N GLY D 243 -6.36 -11.52 -32.44
CA GLY D 243 -6.81 -10.83 -33.65
C GLY D 243 -6.04 -9.55 -33.90
N GLY D 244 -5.61 -8.88 -32.85
CA GLY D 244 -4.82 -7.67 -32.96
C GLY D 244 -3.39 -7.88 -33.44
N GLY D 245 -2.95 -9.12 -33.59
CA GLY D 245 -1.62 -9.39 -34.08
C GLY D 245 -0.63 -9.72 -32.97
N TYR D 246 0.62 -9.88 -33.38
CA TYR D 246 1.69 -10.19 -32.43
C TYR D 246 1.89 -9.03 -31.45
N ASP D 247 1.82 -7.80 -31.94
CA ASP D 247 2.06 -6.62 -31.13
C ASP D 247 0.82 -6.18 -30.34
N ALA D 248 -0.21 -7.01 -30.26
CA ALA D 248 -1.42 -6.62 -29.55
C ALA D 248 -1.12 -6.38 -28.08
N GLU D 249 -1.67 -5.29 -27.55
CA GLU D 249 -1.41 -4.88 -26.17
C GLU D 249 -2.39 -5.58 -25.23
N PRO D 250 -1.90 -6.24 -24.19
CA PRO D 250 -2.81 -6.88 -23.23
C PRO D 250 -3.60 -5.82 -22.45
N ARG D 251 -4.77 -6.24 -21.96
CA ARG D 251 -5.67 -5.38 -21.20
C ARG D 251 -5.85 -5.97 -19.82
N GLU D 252 -5.11 -5.44 -18.84
CA GLU D 252 -5.23 -5.92 -17.46
C GLU D 252 -6.59 -5.59 -16.88
N ALA D 253 -7.24 -4.53 -17.37
CA ALA D 253 -8.54 -4.13 -16.84
C ALA D 253 -9.60 -5.20 -17.12
N LEU D 254 -9.47 -5.92 -18.23
CA LEU D 254 -10.42 -6.98 -18.53
C LEU D 254 -10.38 -8.08 -17.47
N LEU D 255 -9.18 -8.41 -17.00
CA LEU D 255 -9.05 -9.42 -15.94
C LEU D 255 -9.58 -8.89 -14.62
N ALA D 256 -9.36 -7.60 -14.34
CA ALA D 256 -9.89 -7.01 -13.12
C ALA D 256 -11.41 -6.86 -13.18
N GLU D 257 -11.94 -6.54 -14.35
CA GLU D 257 -13.39 -6.39 -14.49
C GLU D 257 -14.09 -7.75 -14.40
N ALA D 258 -13.48 -8.79 -14.97
CA ALA D 258 -14.08 -10.11 -14.90
C ALA D 258 -14.07 -10.64 -13.47
N ALA D 259 -13.00 -10.38 -12.72
CA ALA D 259 -12.94 -10.81 -11.34
C ALA D 259 -13.98 -10.11 -10.49
N THR D 260 -14.32 -8.85 -10.82
CA THR D 260 -15.38 -8.17 -10.10
C THR D 260 -16.74 -8.79 -10.39
N CYS D 261 -16.94 -9.31 -11.60
CA CYS D 261 -18.18 -10.02 -11.91
C CYS D 261 -18.26 -11.32 -11.12
N VAL D 262 -17.13 -12.03 -11.00
CA VAL D 262 -17.12 -13.29 -10.27
C VAL D 262 -17.38 -13.05 -8.80
N ALA D 263 -16.86 -11.95 -8.26
CA ALA D 263 -17.00 -11.67 -6.83
C ALA D 263 -18.46 -11.50 -6.44
N GLY D 264 -19.24 -10.82 -7.27
CA GLY D 264 -20.66 -10.65 -6.97
C GLY D 264 -21.42 -11.95 -6.96
N VAL D 265 -20.99 -12.93 -7.76
CA VAL D 265 -21.64 -14.23 -7.77
C VAL D 265 -21.24 -15.04 -6.55
N LEU D 266 -20.00 -14.90 -6.08
CA LEU D 266 -19.51 -15.64 -4.94
C LEU D 266 -19.91 -15.01 -3.60
N ALA D 267 -20.53 -13.84 -3.61
CA ALA D 267 -20.94 -13.18 -2.37
C ALA D 267 -22.26 -13.75 -1.87
P PO4 E . -23.57 5.57 12.48
O1 PO4 E . -23.43 4.08 12.38
O2 PO4 E . -22.28 6.16 13.02
O3 PO4 E . -24.71 5.92 13.40
O4 PO4 E . -23.83 6.14 11.10
C14 TSL F . -29.02 3.30 18.20
C2 TSL F . -27.74 4.14 18.38
S1 TSL F . -28.21 5.74 19.13
O12 TSL F . -29.79 6.00 19.59
O13 TSL F . -27.21 6.80 19.29
C20 TSL F . -26.76 3.40 19.33
C3 TSL F . -27.11 4.39 17.00
C9 TSL F . -25.59 4.23 17.02
O11 TSL F . -24.87 5.19 17.37
O10 TSL F . -25.07 3.13 16.66
N4 TSL F . -27.41 5.75 16.57
C5 TSL F . -27.53 6.05 15.14
C6 TSL F . -27.15 7.29 14.84
C7 TSL F . -26.90 8.44 13.86
O8 TSL F . -27.59 9.40 13.92
P PO4 G . -3.83 9.35 17.16
O1 PO4 G . -4.05 8.46 15.96
O2 PO4 G . -3.51 10.75 16.68
O3 PO4 G . -5.08 9.37 18.01
O4 PO4 G . -2.67 8.82 17.97
C14 TSL H . -6.88 16.01 19.88
C2 TSL H . -7.78 14.81 19.49
S1 TSL H . -8.95 14.46 20.85
O12 TSL H . -8.94 15.43 22.21
O13 TSL H . -9.89 13.34 20.75
C20 TSL H . -8.60 15.17 18.22
C3 TSL H . -6.90 13.56 19.25
C9 TSL H . -6.57 13.40 17.77
O11 TSL H . -5.75 14.20 17.22
O10 TSL H . -7.10 12.48 17.11
N4 TSL H . -7.60 12.38 19.72
C5 TSL H . -7.04 11.58 20.83
C6 TSL H . -5.81 11.13 20.57
C7 TSL H . -4.54 10.36 20.97
O8 TSL H . -3.52 10.96 21.15
P PO4 I . 23.41 -4.14 -13.45
O1 PO4 I . 22.71 -5.39 -12.96
O2 PO4 I . 24.28 -4.48 -14.64
O3 PO4 I . 22.38 -3.11 -13.85
O4 PO4 I . 24.28 -3.58 -12.34
C14 TSL J . 29.02 -10.17 -14.79
C2 TSL J . 28.68 -8.95 -15.68
S1 TSL J . 30.21 -8.40 -16.52
O12 TSL J . 31.57 -8.43 -17.47
O13 TSL J . 30.11 -9.75 -17.07
C20 TSL J . 27.63 -9.38 -16.74
C3 TSL J . 28.16 -7.80 -14.78
C9 TSL J . 26.73 -8.07 -14.28
O11 TSL J . 26.57 -8.69 -13.19
O10 TSL J . 25.71 -7.67 -14.93
N4 TSL J . 28.32 -6.49 -15.40
C5 TSL J . 27.50 -6.00 -16.52
C6 TSL J . 27.19 -4.71 -16.36
C7 TSL J . 26.52 -3.39 -16.80
O8 TSL J . 25.55 -3.44 -17.50
P PO4 K . 4.30 -11.52 -15.60
O1 PO4 K . 3.65 -12.74 -14.99
O2 PO4 K . 3.39 -10.93 -16.65
O3 PO4 K . 5.62 -11.91 -16.21
O4 PO4 K . 4.53 -10.48 -14.52
C14 TSL L . 6.52 -12.19 -23.23
C2 TSL L . 7.04 -11.05 -22.31
S1 TSL L . 8.79 -11.37 -21.90
O12 TSL L . 9.59 -12.64 -22.61
O13 TSL L . 9.48 -10.51 -20.93
C20 TSL L . 6.95 -9.71 -23.10
C3 TSL L . 6.20 -11.00 -21.02
C9 TSL L . 5.97 -9.56 -20.55
O11 TSL L . 6.87 -8.95 -19.92
O10 TSL L . 4.87 -8.98 -20.80
N4 TSL L . 6.87 -11.72 -19.96
C5 TSL L . 6.85 -13.19 -19.95
C6 TSL L . 6.09 -13.70 -18.98
C7 TSL L . 5.51 -14.92 -18.25
O8 TSL L . 6.12 -15.92 -18.25
#